data_1T0F
#
_entry.id   1T0F
#
_cell.length_a   156.032
_cell.length_b   70.112
_cell.length_c   89.681
_cell.angle_alpha   90.00
_cell.angle_beta   123.61
_cell.angle_gamma   90.00
#
_symmetry.space_group_name_H-M   'C 1 2 1'
#
loop_
_entity.id
_entity.type
_entity.pdbx_description
1 polymer 'Transposon Tn7 transposition protein tnsA'
2 polymer 'Transposon Tn7 transposition protein tnsC'
3 non-polymer 'MAGNESIUM ION'
4 non-polymer 'MALONIC ACID'
5 non-polymer (4S)-2-METHYL-2,4-PENTANEDIOL
6 water water
#
loop_
_entity_poly.entity_id
_entity_poly.type
_entity_poly.pdbx_seq_one_letter_code
_entity_poly.pdbx_strand_id
1 'polypeptide(L)'
;GSAMAKANSSFSEVQIARRIKEGRGQGHGKDYIPWLTVQEVPSSGRSHRIYSHKTGRVHHLLSDLELAVFLSLEWESSVL
DIREQFPLLPSDTRQIAIDSGIKHPVIRGVDQVMSTDFLVDCKDGPFEQFAIQVKPAAALQDERTLEKLELERRYWQQKQ
IPWFIFTDKEINPVVKENIEWLYSVKTEEVSAELLAQLSPLAHILQEKGDENIINVCKQVDIAYDLELGKTLSEIRALTA
NGFIKFNIYKSFRANKCADLCISQVVNMEELRYVAN
;
A,B
2 'polypeptide(L)' GSAIKVVKPSDWDSLPDTDLRYIYSQRQPEKTMHERLKGKGVIVDMASLFKQAG C,D
#
loop_
_chem_comp.id
_chem_comp.type
_chem_comp.name
_chem_comp.formula
MG non-polymer 'MAGNESIUM ION' 'Mg 2'
MLA non-polymer 'MALONIC ACID' 'C3 H4 O4'
MPD non-polymer (4S)-2-METHYL-2,4-PENTANEDIOL 'C6 H14 O2'
#
# COMPACT_ATOMS: atom_id res chain seq x y z
N ASN A 8 21.57 19.84 14.30
CA ASN A 8 22.91 19.20 14.08
C ASN A 8 22.87 17.69 14.31
N SER A 9 23.99 17.03 14.01
CA SER A 9 24.09 15.58 14.17
C SER A 9 24.54 15.15 15.56
N SER A 10 24.98 16.10 16.37
CA SER A 10 25.43 15.78 17.72
C SER A 10 24.25 15.83 18.70
N PHE A 11 24.28 14.94 19.69
CA PHE A 11 23.21 14.88 20.69
C PHE A 11 23.72 15.18 22.08
N SER A 12 22.82 15.66 22.93
CA SER A 12 23.14 15.98 24.31
C SER A 12 22.79 14.73 25.12
N GLU A 13 23.16 14.72 26.40
CA GLU A 13 22.85 13.56 27.24
C GLU A 13 21.35 13.29 27.31
N VAL A 14 20.55 14.36 27.40
CA VAL A 14 19.10 14.19 27.47
C VAL A 14 18.54 13.71 26.13
N GLN A 15 19.11 14.21 25.03
CA GLN A 15 18.66 13.81 23.70
C GLN A 15 18.92 12.32 23.49
N ILE A 16 20.06 11.86 23.96
CA ILE A 16 20.44 10.46 23.85
C ILE A 16 19.49 9.60 24.67
N ALA A 17 19.34 9.93 25.95
CA ALA A 17 18.46 9.19 26.84
C ALA A 17 17.04 9.14 26.27
N ARG A 18 16.60 10.26 25.71
CA ARG A 18 15.27 10.37 25.15
C ARG A 18 15.09 9.46 23.94
N ARG A 19 16.11 9.40 23.08
CA ARG A 19 16.04 8.55 21.90
C ARG A 19 16.05 7.09 22.30
N ILE A 20 16.78 6.75 23.36
CA ILE A 20 16.83 5.38 23.83
C ILE A 20 15.44 4.99 24.35
N LYS A 21 14.77 5.94 25.00
CA LYS A 21 13.42 5.69 25.54
C LYS A 21 12.43 5.39 24.43
N GLU A 22 12.45 6.17 23.37
CA GLU A 22 11.53 5.94 22.25
C GLU A 22 11.93 4.70 21.48
N GLY A 23 12.87 3.95 22.05
CA GLY A 23 13.32 2.71 21.44
C GLY A 23 13.99 2.78 20.09
N ARG A 24 14.76 3.83 19.81
CA ARG A 24 15.43 3.91 18.52
C ARG A 24 16.51 2.85 18.48
N GLY A 25 16.64 2.20 17.32
CA GLY A 25 17.64 1.14 17.18
C GLY A 25 17.04 -0.23 17.47
N GLN A 26 15.83 -0.24 18.04
CA GLN A 26 15.17 -1.50 18.37
C GLN A 26 14.12 -1.89 17.34
N GLY A 27 13.73 -3.16 17.37
CA GLY A 27 12.72 -3.66 16.46
C GLY A 27 13.30 -4.24 15.18
N HIS A 28 12.45 -4.93 14.43
CA HIS A 28 12.86 -5.56 13.18
C HIS A 28 11.81 -5.25 12.14
N GLY A 29 12.20 -5.29 10.87
CA GLY A 29 11.26 -5.02 9.80
C GLY A 29 10.49 -3.74 9.96
N LYS A 30 9.17 -3.82 9.86
CA LYS A 30 8.33 -2.64 9.96
C LYS A 30 8.37 -1.95 11.31
N ASP A 31 8.82 -2.66 12.34
CA ASP A 31 8.88 -2.11 13.70
C ASP A 31 10.19 -1.38 14.03
N TYR A 32 11.17 -1.48 13.17
CA TYR A 32 12.45 -0.83 13.41
C TYR A 32 12.38 0.69 13.28
N ILE A 33 13.13 1.37 14.13
CA ILE A 33 13.23 2.83 14.10
C ILE A 33 14.73 3.13 14.09
N PRO A 34 15.23 3.84 13.06
CA PRO A 34 16.67 4.16 13.00
C PRO A 34 17.13 5.10 14.10
N TRP A 35 18.39 4.98 14.50
CA TRP A 35 18.94 5.85 15.54
C TRP A 35 19.00 7.29 15.02
N LEU A 36 19.47 7.45 13.78
CA LEU A 36 19.57 8.76 13.16
C LEU A 36 18.49 8.93 12.11
N THR A 37 18.00 10.16 11.94
CA THR A 37 16.97 10.46 10.95
C THR A 37 17.55 11.51 10.00
N VAL A 38 16.84 11.79 8.91
CA VAL A 38 17.30 12.78 7.94
C VAL A 38 17.50 14.16 8.60
N GLN A 39 16.95 14.32 9.81
CA GLN A 39 17.09 15.58 10.53
C GLN A 39 18.54 15.73 10.99
N GLU A 40 19.23 14.61 11.15
CA GLU A 40 20.63 14.62 11.57
C GLU A 40 21.60 14.60 10.39
N VAL A 41 21.11 14.92 9.21
CA VAL A 41 21.96 14.94 8.03
C VAL A 41 23.02 16.04 8.16
N PRO A 42 24.28 15.74 7.84
CA PRO A 42 25.33 16.75 7.95
C PRO A 42 25.13 17.85 6.91
N SER A 43 25.41 19.09 7.29
CA SER A 43 25.26 20.23 6.39
C SER A 43 26.05 20.10 5.09
N SER A 44 26.91 19.09 5.03
CA SER A 44 27.73 18.87 3.83
C SER A 44 27.12 17.86 2.87
N GLY A 45 25.91 17.40 3.16
CA GLY A 45 25.29 16.41 2.28
C GLY A 45 23.80 16.54 2.04
N ARG A 46 23.25 15.55 1.35
CA ARG A 46 21.83 15.53 1.02
C ARG A 46 21.18 14.28 1.61
N SER A 47 19.97 14.45 2.14
CA SER A 47 19.26 13.33 2.74
C SER A 47 18.17 12.82 1.80
N HIS A 48 17.72 11.60 2.07
CA HIS A 48 16.69 10.97 1.26
C HIS A 48 15.78 10.14 2.16
N ARG A 49 14.49 10.18 1.87
CA ARG A 49 13.49 9.41 2.58
C ARG A 49 12.96 8.50 1.48
N ILE A 50 13.11 7.20 1.64
CA ILE A 50 12.66 6.31 0.60
C ILE A 50 11.92 5.08 1.10
N TYR A 51 10.83 4.76 0.41
CA TYR A 51 10.01 3.60 0.76
C TYR A 51 10.70 2.31 0.33
N SER A 52 10.55 1.27 1.14
CA SER A 52 11.14 -0.04 0.86
C SER A 52 10.05 -1.09 0.75
N HIS A 53 10.10 -1.91 -0.32
CA HIS A 53 9.11 -2.98 -0.47
C HIS A 53 9.45 -4.10 0.51
N LYS A 54 10.72 -4.27 0.82
CA LYS A 54 11.16 -5.31 1.73
C LYS A 54 10.76 -5.11 3.19
N THR A 55 10.83 -3.88 3.67
CA THR A 55 10.50 -3.60 5.07
C THR A 55 9.14 -2.95 5.25
N GLY A 56 8.63 -2.32 4.20
CA GLY A 56 7.36 -1.64 4.30
C GLY A 56 7.52 -0.28 4.98
N ARG A 57 8.76 0.10 5.28
CA ARG A 57 9.07 1.38 5.95
C ARG A 57 9.62 2.42 5.00
N VAL A 58 9.61 3.67 5.48
CA VAL A 58 10.20 4.77 4.73
C VAL A 58 11.55 4.90 5.45
N HIS A 59 12.63 4.61 4.74
CA HIS A 59 13.97 4.66 5.34
C HIS A 59 14.58 6.05 5.33
N HIS A 60 15.53 6.23 6.24
CA HIS A 60 16.26 7.49 6.40
C HIS A 60 17.71 7.32 5.98
N LEU A 61 18.06 7.92 4.85
CA LEU A 61 19.41 7.85 4.33
C LEU A 61 20.00 9.25 4.40
N LEU A 62 21.21 9.36 4.92
CA LEU A 62 21.86 10.66 5.11
C LEU A 62 22.88 11.14 4.08
N SER A 63 22.95 10.49 2.92
CA SER A 63 23.87 10.91 1.86
C SER A 63 23.49 10.19 0.56
N ASP A 64 24.00 10.69 -0.56
CA ASP A 64 23.73 10.07 -1.86
C ASP A 64 24.40 8.70 -1.87
N LEU A 65 25.51 8.56 -1.16
CA LEU A 65 26.21 7.28 -1.11
C LEU A 65 25.38 6.24 -0.37
N GLU A 66 24.72 6.66 0.71
CA GLU A 66 23.86 5.75 1.47
C GLU A 66 22.68 5.36 0.60
N LEU A 67 22.19 6.31 -0.19
CA LEU A 67 21.07 6.03 -1.10
C LEU A 67 21.50 4.95 -2.09
N ALA A 68 22.70 5.08 -2.64
CA ALA A 68 23.19 4.09 -3.61
C ALA A 68 23.27 2.69 -3.00
N VAL A 69 23.76 2.59 -1.77
CA VAL A 69 23.87 1.30 -1.10
C VAL A 69 22.47 0.75 -0.81
N PHE A 70 21.56 1.61 -0.36
CA PHE A 70 20.20 1.18 -0.07
C PHE A 70 19.52 0.61 -1.33
N LEU A 71 19.57 1.35 -2.42
CA LEU A 71 18.94 0.88 -3.66
C LEU A 71 19.55 -0.46 -4.11
N SER A 72 20.85 -0.62 -3.93
CA SER A 72 21.52 -1.86 -4.31
C SER A 72 21.05 -3.02 -3.41
N LEU A 73 20.86 -2.75 -2.11
CA LEU A 73 20.40 -3.78 -1.18
C LEU A 73 18.95 -4.17 -1.44
N GLU A 74 18.11 -3.18 -1.68
CA GLU A 74 16.68 -3.39 -1.94
C GLU A 74 16.46 -4.17 -3.24
N TRP A 75 17.45 -4.13 -4.13
CA TRP A 75 17.37 -4.85 -5.40
C TRP A 75 17.60 -6.37 -5.21
N GLU A 76 18.44 -6.73 -4.25
CA GLU A 76 18.77 -8.14 -3.99
C GLU A 76 17.58 -8.96 -3.49
N SER A 77 17.25 -10.04 -4.19
CA SER A 77 16.12 -10.87 -3.78
C SER A 77 16.24 -11.51 -2.40
N SER A 78 17.45 -11.86 -1.99
CA SER A 78 17.68 -12.52 -0.71
C SER A 78 17.61 -11.62 0.54
N VAL A 79 17.71 -10.31 0.37
CA VAL A 79 17.64 -9.42 1.53
C VAL A 79 16.27 -9.48 2.17
N LEU A 80 16.26 -9.72 3.47
CA LEU A 80 15.02 -9.82 4.24
C LEU A 80 14.71 -8.53 5.00
N ASP A 81 15.74 -7.95 5.62
CA ASP A 81 15.56 -6.72 6.38
C ASP A 81 16.76 -5.81 6.19
N ILE A 82 16.51 -4.51 6.25
CA ILE A 82 17.55 -3.49 6.13
C ILE A 82 17.31 -2.53 7.29
N ARG A 83 18.26 -2.50 8.22
CA ARG A 83 18.15 -1.61 9.37
C ARG A 83 19.24 -0.55 9.29
N GLU A 84 18.85 0.64 8.82
CA GLU A 84 19.79 1.75 8.64
C GLU A 84 20.06 2.51 9.94
N GLN A 85 21.21 3.16 9.99
CA GLN A 85 21.62 3.95 11.16
C GLN A 85 21.43 3.11 12.42
N PHE A 86 22.06 1.94 12.43
CA PHE A 86 21.96 1.03 13.56
C PHE A 86 22.95 1.41 14.67
N PRO A 87 22.42 1.74 15.87
CA PRO A 87 23.25 2.14 17.01
C PRO A 87 24.04 1.01 17.65
N LEU A 88 25.28 1.31 18.05
CA LEU A 88 26.15 0.34 18.70
C LEU A 88 26.07 0.62 20.20
N LEU A 89 25.87 -0.44 20.99
CA LEU A 89 25.75 -0.32 22.45
C LEU A 89 26.89 0.49 23.06
N PRO A 90 26.57 1.66 23.64
CA PRO A 90 27.57 2.54 24.27
C PRO A 90 28.52 1.86 25.24
N SER A 91 28.00 1.00 26.11
CA SER A 91 28.86 0.33 27.07
C SER A 91 29.91 -0.52 26.35
N ASP A 92 29.55 -1.09 25.21
CA ASP A 92 30.50 -1.90 24.45
C ASP A 92 31.52 -1.00 23.74
N THR A 93 31.07 0.05 23.06
CA THR A 93 32.02 0.90 22.37
C THR A 93 32.92 1.64 23.36
N ARG A 94 32.38 1.92 24.55
CA ARG A 94 33.16 2.59 25.59
C ARG A 94 34.35 1.71 25.97
N GLN A 95 34.10 0.43 26.21
CA GLN A 95 35.15 -0.51 26.57
C GLN A 95 36.12 -0.77 25.43
N ILE A 96 35.61 -0.82 24.21
CA ILE A 96 36.48 -1.06 23.04
C ILE A 96 37.49 0.08 22.88
N ALA A 97 37.00 1.31 23.02
CA ALA A 97 37.87 2.49 22.90
C ALA A 97 38.99 2.40 23.92
N ILE A 98 38.63 2.07 25.16
CA ILE A 98 39.62 1.95 26.22
C ILE A 98 40.65 0.88 25.88
N ASP A 99 40.18 -0.30 25.49
CA ASP A 99 41.07 -1.40 25.15
C ASP A 99 41.95 -1.15 23.92
N SER A 100 41.45 -0.36 22.98
CA SER A 100 42.19 -0.09 21.76
C SER A 100 43.04 1.17 21.79
N GLY A 101 42.90 1.96 22.86
CA GLY A 101 43.68 3.18 22.95
C GLY A 101 43.20 4.25 22.00
N ILE A 102 41.87 4.36 21.87
CA ILE A 102 41.25 5.34 21.00
C ILE A 102 40.29 6.19 21.83
N LYS A 103 40.29 7.50 21.60
CA LYS A 103 39.38 8.37 22.33
C LYS A 103 37.98 8.12 21.78
N HIS A 104 37.06 7.71 22.65
CA HIS A 104 35.69 7.45 22.19
C HIS A 104 35.05 8.73 21.63
N PRO A 105 34.25 8.62 20.56
CA PRO A 105 33.57 9.76 19.95
C PRO A 105 32.87 10.61 21.00
N VAL A 106 33.12 11.91 20.98
CA VAL A 106 32.52 12.81 21.95
C VAL A 106 32.36 14.21 21.38
N ILE A 107 31.28 14.87 21.75
CA ILE A 107 31.00 16.24 21.32
C ILE A 107 30.63 17.05 22.56
N ARG A 108 31.36 18.12 22.80
CA ARG A 108 31.13 18.98 23.96
C ARG A 108 31.02 18.18 25.25
N GLY A 109 31.99 17.31 25.46
CA GLY A 109 32.02 16.49 26.66
C GLY A 109 31.01 15.37 26.76
N VAL A 110 30.18 15.19 25.74
CA VAL A 110 29.17 14.14 25.76
C VAL A 110 29.55 13.00 24.82
N ASP A 111 29.76 11.81 25.38
CA ASP A 111 30.11 10.66 24.57
C ASP A 111 28.94 10.43 23.63
N GLN A 112 29.24 10.25 22.35
CA GLN A 112 28.21 10.05 21.35
C GLN A 112 27.93 8.58 21.08
N VAL A 113 26.70 8.29 20.67
CA VAL A 113 26.33 6.93 20.35
C VAL A 113 26.79 6.69 18.91
N MET A 114 27.60 5.67 18.71
CA MET A 114 28.10 5.35 17.36
C MET A 114 27.01 4.56 16.62
N SER A 115 27.04 4.63 15.30
CA SER A 115 26.06 3.89 14.51
C SER A 115 26.69 3.34 13.22
N THR A 116 26.15 2.22 12.76
CA THR A 116 26.62 1.57 11.54
C THR A 116 25.54 1.87 10.51
N ASP A 117 25.95 2.33 9.34
CA ASP A 117 24.98 2.73 8.33
C ASP A 117 23.90 1.73 7.97
N PHE A 118 24.26 0.45 7.87
CA PHE A 118 23.27 -0.59 7.54
C PHE A 118 23.57 -1.93 8.20
N LEU A 119 22.55 -2.53 8.79
CA LEU A 119 22.70 -3.87 9.37
C LEU A 119 21.72 -4.64 8.50
N VAL A 120 22.22 -5.63 7.78
CA VAL A 120 21.39 -6.36 6.82
C VAL A 120 21.17 -7.82 7.19
N ASP A 121 19.93 -8.28 7.01
CA ASP A 121 19.56 -9.67 7.27
C ASP A 121 19.14 -10.27 5.92
N CYS A 122 19.63 -11.48 5.62
CA CYS A 122 19.29 -12.13 4.36
C CYS A 122 18.62 -13.49 4.64
N LYS A 123 17.76 -13.92 3.73
CA LYS A 123 17.03 -15.17 3.88
C LYS A 123 17.92 -16.39 3.68
N ASP A 124 18.87 -16.25 2.76
CA ASP A 124 19.81 -17.33 2.45
C ASP A 124 21.00 -16.68 1.76
N GLY A 125 21.83 -17.50 1.13
CA GLY A 125 22.98 -16.94 0.44
C GLY A 125 24.23 -16.94 1.30
N PRO A 126 25.32 -16.33 0.80
CA PRO A 126 26.61 -16.24 1.50
C PRO A 126 26.62 -15.69 2.92
N PHE A 127 25.92 -14.59 3.16
CA PHE A 127 25.87 -13.96 4.48
C PHE A 127 24.44 -13.81 4.99
N GLU A 128 24.13 -14.44 6.13
CA GLU A 128 22.79 -14.35 6.70
C GLU A 128 22.61 -12.98 7.37
N GLN A 129 23.73 -12.38 7.77
CA GLN A 129 23.69 -11.07 8.38
C GLN A 129 25.04 -10.40 8.19
N PHE A 130 25.03 -9.12 7.84
CA PHE A 130 26.29 -8.41 7.69
C PHE A 130 26.03 -6.94 7.92
N ALA A 131 27.08 -6.21 8.29
CA ALA A 131 26.96 -4.79 8.55
C ALA A 131 27.81 -4.00 7.57
N ILE A 132 27.37 -2.79 7.26
CA ILE A 132 28.08 -1.92 6.33
C ILE A 132 28.21 -0.49 6.83
N GLN A 133 29.42 0.06 6.70
CA GLN A 133 29.65 1.47 7.03
C GLN A 133 30.01 2.07 5.66
N VAL A 134 29.35 3.17 5.33
CA VAL A 134 29.54 3.87 4.05
C VAL A 134 30.46 5.08 4.26
N LYS A 135 31.49 5.22 3.42
CA LYS A 135 32.42 6.34 3.55
C LYS A 135 32.93 6.84 2.21
N PRO A 136 33.17 8.16 2.08
CA PRO A 136 33.70 8.65 0.82
C PRO A 136 35.10 8.03 0.83
N ALA A 137 35.62 7.62 -0.32
CA ALA A 137 36.94 7.01 -0.34
C ALA A 137 38.02 7.92 0.24
N ALA A 138 37.91 9.21 -0.02
CA ALA A 138 38.88 10.17 0.47
C ALA A 138 38.94 10.20 1.99
N ALA A 139 37.83 9.86 2.63
CA ALA A 139 37.74 9.85 4.08
C ALA A 139 38.63 8.79 4.72
N LEU A 140 39.01 7.78 3.93
CA LEU A 140 39.84 6.72 4.46
C LEU A 140 41.29 7.17 4.70
N GLN A 141 41.62 8.38 4.28
CA GLN A 141 42.97 8.90 4.49
C GLN A 141 42.98 9.71 5.79
N ASP A 142 41.80 9.95 6.37
CA ASP A 142 41.70 10.73 7.61
C ASP A 142 41.92 9.88 8.85
N GLU A 143 42.90 10.26 9.67
CA GLU A 143 43.23 9.51 10.87
C GLU A 143 42.07 9.31 11.85
N ARG A 144 41.31 10.36 12.14
CA ARG A 144 40.19 10.21 13.07
C ARG A 144 39.11 9.31 12.47
N THR A 145 38.88 9.41 11.18
CA THR A 145 37.87 8.58 10.52
C THR A 145 38.30 7.13 10.69
N LEU A 146 39.59 6.86 10.49
CA LEU A 146 40.14 5.52 10.63
C LEU A 146 40.01 5.02 12.08
N GLU A 147 40.19 5.92 13.05
CA GLU A 147 40.06 5.49 14.45
C GLU A 147 38.62 5.05 14.74
N LYS A 148 37.67 5.83 14.25
CA LYS A 148 36.26 5.50 14.49
C LYS A 148 35.87 4.23 13.75
N LEU A 149 36.46 4.01 12.58
CA LEU A 149 36.18 2.81 11.82
C LEU A 149 36.75 1.61 12.56
N GLU A 150 37.91 1.77 13.21
CA GLU A 150 38.51 0.67 13.95
C GLU A 150 37.62 0.29 15.14
N LEU A 151 37.04 1.28 15.80
CA LEU A 151 36.15 1.00 16.93
C LEU A 151 34.97 0.16 16.44
N GLU A 152 34.39 0.61 15.32
CA GLU A 152 33.25 -0.07 14.71
C GLU A 152 33.65 -1.48 14.27
N ARG A 153 34.82 -1.60 13.68
CA ARG A 153 35.29 -2.91 13.22
C ARG A 153 35.36 -3.89 14.37
N ARG A 154 35.99 -3.45 15.47
CA ARG A 154 36.12 -4.29 16.66
C ARG A 154 34.77 -4.67 17.24
N TYR A 155 33.83 -3.73 17.21
CA TYR A 155 32.49 -3.97 17.74
C TYR A 155 31.85 -5.16 17.05
N TRP A 156 31.77 -5.11 15.73
CA TRP A 156 31.16 -6.22 15.00
C TRP A 156 31.98 -7.50 15.06
N GLN A 157 33.31 -7.37 15.13
CA GLN A 157 34.13 -8.57 15.24
C GLN A 157 33.77 -9.29 16.52
N GLN A 158 33.54 -8.50 17.57
CA GLN A 158 33.16 -9.02 18.89
C GLN A 158 31.82 -9.77 18.77
N LYS A 159 30.91 -9.23 17.97
CA LYS A 159 29.58 -9.84 17.76
C LYS A 159 29.62 -10.98 16.74
N GLN A 160 30.77 -11.19 16.13
CA GLN A 160 30.96 -12.25 15.14
C GLN A 160 30.07 -12.06 13.91
N ILE A 161 29.82 -10.79 13.59
CA ILE A 161 29.02 -10.44 12.43
C ILE A 161 29.92 -9.75 11.40
N PRO A 162 29.95 -10.25 10.16
CA PRO A 162 30.78 -9.66 9.11
C PRO A 162 30.49 -8.17 8.93
N TRP A 163 31.55 -7.38 8.81
CA TRP A 163 31.42 -5.93 8.65
C TRP A 163 32.31 -5.49 7.50
N PHE A 164 31.78 -4.60 6.66
CA PHE A 164 32.51 -4.09 5.50
C PHE A 164 32.32 -2.60 5.33
N ILE A 165 33.24 -1.99 4.60
CA ILE A 165 33.17 -0.58 4.29
C ILE A 165 32.81 -0.47 2.80
N PHE A 166 31.91 0.43 2.48
CA PHE A 166 31.49 0.67 1.09
C PHE A 166 31.76 2.13 0.76
N THR A 167 32.39 2.39 -0.38
CA THR A 167 32.65 3.78 -0.77
C THR A 167 32.01 4.05 -2.14
N ASP A 168 32.12 5.28 -2.60
CA ASP A 168 31.58 5.66 -3.90
C ASP A 168 32.19 4.82 -5.02
N LYS A 169 33.41 4.32 -4.80
CA LYS A 169 34.09 3.51 -5.81
C LYS A 169 33.51 2.10 -5.98
N GLU A 170 32.65 1.69 -5.04
CA GLU A 170 32.04 0.36 -5.13
C GLU A 170 30.68 0.40 -5.79
N ILE A 171 30.23 1.60 -6.17
CA ILE A 171 28.93 1.71 -6.79
C ILE A 171 29.03 1.33 -8.25
N ASN A 172 28.22 0.35 -8.65
CA ASN A 172 28.20 -0.10 -10.03
C ASN A 172 27.96 1.12 -10.92
N PRO A 173 28.70 1.23 -12.03
CA PRO A 173 28.62 2.33 -12.99
C PRO A 173 27.22 2.61 -13.56
N VAL A 174 26.44 1.56 -13.79
CA VAL A 174 25.10 1.74 -14.33
C VAL A 174 24.19 2.22 -13.21
N VAL A 175 24.44 1.76 -11.99
CA VAL A 175 23.64 2.18 -10.84
C VAL A 175 23.86 3.67 -10.65
N LYS A 176 25.12 4.08 -10.79
CA LYS A 176 25.50 5.47 -10.64
C LYS A 176 24.76 6.35 -11.66
N GLU A 177 24.75 5.94 -12.92
CA GLU A 177 24.06 6.74 -13.93
C GLU A 177 22.56 6.79 -13.69
N ASN A 178 21.99 5.70 -13.17
CA ASN A 178 20.55 5.69 -12.89
C ASN A 178 20.21 6.66 -11.77
N ILE A 179 21.05 6.70 -10.74
CA ILE A 179 20.82 7.60 -9.61
C ILE A 179 20.97 9.05 -10.07
N GLU A 180 21.90 9.27 -10.98
CA GLU A 180 22.13 10.61 -11.52
C GLU A 180 20.88 11.12 -12.21
N TRP A 181 20.26 10.26 -13.01
CA TRP A 181 19.05 10.62 -13.74
C TRP A 181 17.84 10.74 -12.81
N LEU A 182 17.68 9.75 -11.94
CA LEU A 182 16.56 9.73 -11.00
C LEU A 182 16.58 10.81 -9.94
N TYR A 183 17.77 11.21 -9.52
CA TYR A 183 17.89 12.19 -8.45
C TYR A 183 18.72 13.43 -8.83
N SER A 184 18.85 13.69 -10.12
CA SER A 184 19.61 14.84 -10.59
C SER A 184 19.09 16.10 -9.90
N VAL A 185 17.77 16.18 -9.76
CA VAL A 185 17.13 17.32 -9.13
C VAL A 185 16.39 16.88 -7.85
N LYS A 186 15.95 17.87 -7.08
CA LYS A 186 15.22 17.63 -5.84
C LYS A 186 14.04 16.68 -6.08
N THR A 187 14.00 15.58 -5.33
CA THR A 187 12.94 14.58 -5.46
C THR A 187 11.56 15.20 -5.29
N GLU A 188 10.68 14.95 -6.26
CA GLU A 188 9.32 15.49 -6.21
C GLU A 188 8.48 14.90 -5.10
N GLU A 189 7.72 15.75 -4.42
CA GLU A 189 6.84 15.32 -3.35
C GLU A 189 5.71 14.46 -3.92
N VAL A 190 5.41 13.36 -3.25
CA VAL A 190 4.36 12.46 -3.71
C VAL A 190 3.00 12.86 -3.16
N SER A 191 2.13 13.34 -4.06
CA SER A 191 0.79 13.76 -3.66
C SER A 191 -0.12 12.54 -3.63
N ALA A 192 -1.33 12.70 -3.10
CA ALA A 192 -2.28 11.60 -3.03
C ALA A 192 -2.71 11.24 -4.46
N GLU A 193 -2.69 12.24 -5.33
CA GLU A 193 -3.07 12.06 -6.72
C GLU A 193 -2.02 11.20 -7.44
N LEU A 194 -0.75 11.46 -7.15
CA LEU A 194 0.33 10.71 -7.77
C LEU A 194 0.36 9.29 -7.21
N LEU A 195 0.13 9.16 -5.91
CA LEU A 195 0.12 7.85 -5.27
C LEU A 195 -1.03 7.01 -5.84
N ALA A 196 -2.11 7.68 -6.25
CA ALA A 196 -3.27 7.00 -6.81
C ALA A 196 -3.00 6.40 -8.19
N GLN A 197 -1.87 6.78 -8.78
CA GLN A 197 -1.49 6.29 -10.10
C GLN A 197 -0.81 4.92 -10.08
N LEU A 198 -0.36 4.50 -8.90
CA LEU A 198 0.32 3.21 -8.78
C LEU A 198 -0.53 2.06 -9.30
N SER A 199 -1.79 2.03 -8.92
CA SER A 199 -2.69 0.97 -9.35
C SER A 199 -2.89 0.92 -10.87
N PRO A 200 -3.33 2.03 -11.49
CA PRO A 200 -3.50 1.99 -12.94
C PRO A 200 -2.20 1.75 -13.69
N LEU A 201 -1.11 2.33 -13.20
CA LEU A 201 0.19 2.15 -13.86
C LEU A 201 0.63 0.71 -13.76
N ALA A 202 0.34 0.07 -12.63
CA ALA A 202 0.70 -1.33 -12.40
C ALA A 202 0.02 -2.26 -13.40
N HIS A 203 -1.23 -1.95 -13.74
CA HIS A 203 -1.98 -2.76 -14.69
C HIS A 203 -1.39 -2.64 -16.10
N ILE A 204 -1.09 -1.41 -16.51
CA ILE A 204 -0.53 -1.16 -17.83
C ILE A 204 0.82 -1.85 -17.96
N LEU A 205 1.70 -1.63 -16.98
CA LEU A 205 3.03 -2.22 -17.00
C LEU A 205 2.94 -3.74 -17.00
N GLN A 206 1.90 -4.27 -16.36
CA GLN A 206 1.68 -5.70 -16.27
C GLN A 206 1.44 -6.33 -17.66
N GLU A 207 0.53 -5.75 -18.43
CA GLU A 207 0.26 -6.31 -19.76
C GLU A 207 1.34 -5.98 -20.79
N LYS A 208 1.97 -4.82 -20.66
CA LYS A 208 3.02 -4.41 -21.58
C LYS A 208 4.37 -4.92 -21.07
N GLY A 209 4.31 -5.94 -20.21
CA GLY A 209 5.50 -6.52 -19.61
C GLY A 209 6.70 -6.74 -20.51
N ASP A 210 6.47 -7.13 -21.76
CA ASP A 210 7.57 -7.40 -22.67
C ASP A 210 8.10 -6.16 -23.40
N GLU A 211 7.42 -5.03 -23.23
CA GLU A 211 7.85 -3.81 -23.92
C GLU A 211 8.73 -2.87 -23.11
N ASN A 212 9.50 -2.05 -23.83
CA ASN A 212 10.41 -1.08 -23.22
C ASN A 212 9.63 -0.02 -22.45
N ILE A 213 10.07 0.26 -21.22
CA ILE A 213 9.39 1.22 -20.36
C ILE A 213 9.21 2.63 -20.93
N ILE A 214 10.21 3.15 -21.61
CA ILE A 214 10.11 4.50 -22.16
C ILE A 214 9.08 4.53 -23.30
N ASN A 215 9.11 3.51 -24.16
CA ASN A 215 8.16 3.45 -25.26
C ASN A 215 6.74 3.39 -24.71
N VAL A 216 6.52 2.53 -23.73
CA VAL A 216 5.20 2.40 -23.12
C VAL A 216 4.71 3.71 -22.52
N CYS A 217 5.56 4.41 -21.78
CA CYS A 217 5.15 5.68 -21.18
C CYS A 217 4.68 6.66 -22.26
N LYS A 218 5.40 6.71 -23.37
CA LYS A 218 5.03 7.61 -24.45
C LYS A 218 3.76 7.17 -25.15
N GLN A 219 3.63 5.86 -25.34
CA GLN A 219 2.44 5.32 -26.00
C GLN A 219 1.23 5.54 -25.09
N VAL A 220 1.48 5.60 -23.78
CA VAL A 220 0.41 5.83 -22.82
C VAL A 220 -0.06 7.28 -22.89
N ASP A 221 0.88 8.19 -23.15
CA ASP A 221 0.54 9.60 -23.26
C ASP A 221 -0.30 9.80 -24.51
N ILE A 222 0.14 9.19 -25.62
CA ILE A 222 -0.58 9.30 -26.88
C ILE A 222 -1.99 8.73 -26.71
N ALA A 223 -2.07 7.52 -26.18
CA ALA A 223 -3.35 6.86 -25.95
C ALA A 223 -4.35 7.72 -25.19
N TYR A 224 -3.99 8.09 -23.96
CA TYR A 224 -4.88 8.90 -23.13
C TYR A 224 -4.79 10.40 -23.42
N ASP A 225 -4.19 10.75 -24.56
CA ASP A 225 -4.05 12.15 -24.96
C ASP A 225 -3.53 13.00 -23.80
N LEU A 226 -2.42 12.57 -23.20
CA LEU A 226 -1.82 13.28 -22.07
C LEU A 226 -0.70 14.20 -22.54
N GLU A 227 -0.25 15.08 -21.64
CA GLU A 227 0.84 16.00 -21.96
C GLU A 227 2.12 15.21 -22.24
N LEU A 228 2.92 15.72 -23.16
CA LEU A 228 4.17 15.07 -23.53
C LEU A 228 5.07 14.76 -22.33
N GLY A 229 5.38 13.48 -22.14
CA GLY A 229 6.23 13.04 -21.05
C GLY A 229 5.56 12.98 -19.69
N LYS A 230 4.23 13.02 -19.67
CA LYS A 230 3.47 12.97 -18.42
C LYS A 230 3.65 11.66 -17.64
N THR A 231 3.41 10.54 -18.32
CA THR A 231 3.51 9.24 -17.69
C THR A 231 4.90 8.94 -17.13
N LEU A 232 5.94 9.25 -17.92
CA LEU A 232 7.31 9.00 -17.46
C LEU A 232 7.62 9.82 -16.21
N SER A 233 7.14 11.06 -16.17
CA SER A 233 7.39 11.92 -15.01
C SER A 233 6.74 11.34 -13.76
N GLU A 234 5.58 10.70 -13.92
CA GLU A 234 4.91 10.09 -12.79
C GLU A 234 5.69 8.87 -12.32
N ILE A 235 6.11 8.05 -13.28
CA ILE A 235 6.87 6.84 -12.98
C ILE A 235 8.20 7.23 -12.32
N ARG A 236 8.81 8.29 -12.83
CA ARG A 236 10.08 8.76 -12.30
C ARG A 236 9.94 9.17 -10.82
N ALA A 237 8.90 9.92 -10.51
CA ALA A 237 8.67 10.38 -9.14
C ALA A 237 8.37 9.22 -8.19
N LEU A 238 7.54 8.29 -8.64
CA LEU A 238 7.18 7.15 -7.80
C LEU A 238 8.39 6.23 -7.60
N THR A 239 9.25 6.15 -8.61
CA THR A 239 10.44 5.30 -8.52
C THR A 239 11.46 5.92 -7.56
N ALA A 240 11.68 7.23 -7.67
CA ALA A 240 12.64 7.93 -6.82
C ALA A 240 12.23 7.82 -5.34
N ASN A 241 10.93 7.81 -5.10
CA ASN A 241 10.42 7.69 -3.75
C ASN A 241 10.37 6.26 -3.24
N GLY A 242 10.67 5.31 -4.13
CA GLY A 242 10.71 3.91 -3.74
C GLY A 242 9.48 3.06 -3.96
N PHE A 243 8.36 3.68 -4.34
CA PHE A 243 7.13 2.93 -4.56
C PHE A 243 7.27 2.00 -5.76
N ILE A 244 8.19 2.35 -6.65
CA ILE A 244 8.48 1.54 -7.81
C ILE A 244 9.97 1.24 -7.77
N LYS A 245 10.34 -0.02 -7.95
CA LYS A 245 11.75 -0.38 -8.00
C LYS A 245 11.97 -1.06 -9.35
N PHE A 246 13.19 -1.02 -9.85
CA PHE A 246 13.48 -1.61 -11.16
C PHE A 246 14.85 -2.27 -11.18
N ASN A 247 15.26 -2.76 -12.35
CA ASN A 247 16.57 -3.39 -12.46
C ASN A 247 17.60 -2.28 -12.56
N ILE A 248 18.09 -1.83 -11.40
CA ILE A 248 19.06 -0.75 -11.32
C ILE A 248 20.40 -1.05 -11.97
N TYR A 249 20.65 -2.33 -12.24
CA TYR A 249 21.90 -2.72 -12.87
C TYR A 249 21.83 -2.58 -14.39
N LYS A 250 20.68 -2.12 -14.86
CA LYS A 250 20.47 -1.89 -16.28
C LYS A 250 19.97 -0.45 -16.37
N SER A 251 20.39 0.28 -17.41
CA SER A 251 19.94 1.64 -17.57
C SER A 251 18.42 1.61 -17.49
N PHE A 252 17.84 2.57 -16.76
CA PHE A 252 16.39 2.60 -16.62
C PHE A 252 15.71 2.64 -17.99
N ARG A 253 16.25 3.43 -18.90
CA ARG A 253 15.66 3.56 -20.24
C ARG A 253 15.64 2.23 -20.99
N ALA A 254 16.47 1.30 -20.55
CA ALA A 254 16.58 -0.02 -21.18
C ALA A 254 15.74 -1.08 -20.48
N ASN A 255 15.12 -0.72 -19.35
CA ASN A 255 14.28 -1.68 -18.62
C ASN A 255 13.00 -1.97 -19.39
N LYS A 256 12.54 -3.22 -19.29
CA LYS A 256 11.27 -3.60 -19.90
C LYS A 256 10.27 -3.38 -18.77
N CYS A 257 8.99 -3.26 -19.11
CA CYS A 257 7.97 -3.03 -18.10
C CYS A 257 7.92 -4.11 -17.02
N ALA A 258 8.26 -5.34 -17.39
CA ALA A 258 8.24 -6.44 -16.44
C ALA A 258 9.36 -6.29 -15.42
N ASP A 259 10.35 -5.44 -15.72
CA ASP A 259 11.46 -5.22 -14.80
C ASP A 259 11.07 -4.30 -13.65
N LEU A 260 9.93 -3.63 -13.78
CA LEU A 260 9.48 -2.74 -12.72
C LEU A 260 8.57 -3.45 -11.74
N CYS A 261 8.81 -3.23 -10.46
CA CYS A 261 7.99 -3.83 -9.41
C CYS A 261 7.25 -2.66 -8.78
N ILE A 262 5.92 -2.70 -8.83
CA ILE A 262 5.10 -1.64 -8.28
C ILE A 262 4.38 -2.08 -7.04
N SER A 263 4.50 -1.29 -5.97
CA SER A 263 3.87 -1.61 -4.71
C SER A 263 2.43 -1.10 -4.62
N GLN A 264 1.57 -1.88 -3.98
CA GLN A 264 0.17 -1.52 -3.79
C GLN A 264 0.12 -0.87 -2.42
N VAL A 265 0.02 0.44 -2.36
CA VAL A 265 0.00 1.11 -1.07
C VAL A 265 -1.29 1.87 -0.80
N VAL A 266 -1.62 1.95 0.49
CA VAL A 266 -2.80 2.66 0.93
C VAL A 266 -2.36 3.92 1.66
N ASN A 267 -2.93 5.04 1.26
CA ASN A 267 -2.62 6.32 1.86
C ASN A 267 -3.38 6.36 3.20
N MET A 268 -2.67 6.10 4.28
CA MET A 268 -3.27 6.08 5.61
C MET A 268 -3.90 7.40 6.05
N GLU A 269 -4.12 8.30 5.09
CA GLU A 269 -4.74 9.58 5.39
C GLU A 269 -6.18 9.38 5.82
N GLU A 270 -6.88 8.53 5.08
CA GLU A 270 -8.28 8.23 5.36
C GLU A 270 -8.43 7.25 6.52
N LEU A 271 -8.26 5.96 6.22
CA LEU A 271 -8.38 4.92 7.25
C LEU A 271 -7.51 5.25 8.46
N SER B 10 -32.80 10.48 7.26
CA SER B 10 -33.70 11.65 7.47
C SER B 10 -32.89 12.94 7.56
N PHE B 11 -33.12 13.86 6.64
CA PHE B 11 -32.41 15.13 6.62
C PHE B 11 -33.36 16.31 6.45
N SER B 12 -33.03 17.41 7.11
CA SER B 12 -33.83 18.62 7.03
C SER B 12 -33.39 19.37 5.78
N GLU B 13 -34.13 20.40 5.40
CA GLU B 13 -33.76 21.17 4.22
C GLU B 13 -32.38 21.76 4.45
N VAL B 14 -32.03 21.99 5.72
CA VAL B 14 -30.73 22.54 6.07
C VAL B 14 -29.63 21.49 6.02
N GLN B 15 -29.92 20.29 6.53
CA GLN B 15 -28.95 19.21 6.52
C GLN B 15 -28.62 18.80 5.10
N ILE B 16 -29.63 18.85 4.22
CA ILE B 16 -29.47 18.49 2.82
C ILE B 16 -28.57 19.51 2.14
N ALA B 17 -28.83 20.80 2.42
CA ALA B 17 -28.06 21.88 1.83
C ALA B 17 -26.60 21.74 2.27
N ARG B 18 -26.41 21.32 3.52
CA ARG B 18 -25.07 21.14 4.06
C ARG B 18 -24.37 20.01 3.31
N ARG B 19 -24.98 18.84 3.33
CA ARG B 19 -24.45 17.66 2.64
C ARG B 19 -23.98 18.02 1.25
N ILE B 20 -24.80 18.73 0.50
CA ILE B 20 -24.45 19.15 -0.85
C ILE B 20 -23.18 20.00 -0.83
N LYS B 21 -23.14 21.00 0.04
CA LYS B 21 -21.98 21.88 0.14
C LYS B 21 -20.74 21.04 0.46
N GLU B 22 -20.90 20.02 1.30
CA GLU B 22 -19.78 19.15 1.66
C GLU B 22 -19.31 18.36 0.46
N GLY B 23 -20.04 18.47 -0.65
CA GLY B 23 -19.68 17.77 -1.87
C GLY B 23 -20.05 16.30 -1.93
N ARG B 24 -21.00 15.89 -1.11
CA ARG B 24 -21.42 14.49 -1.11
C ARG B 24 -22.08 14.14 -2.45
N GLY B 25 -21.76 12.97 -2.97
CA GLY B 25 -22.32 12.56 -4.25
C GLY B 25 -21.47 12.95 -5.44
N GLN B 26 -20.51 13.84 -5.20
CA GLN B 26 -19.63 14.31 -6.27
C GLN B 26 -18.24 13.69 -6.19
N GLY B 27 -17.52 13.72 -7.30
CA GLY B 27 -16.19 13.18 -7.34
C GLY B 27 -16.13 11.78 -7.91
N HIS B 28 -14.92 11.33 -8.24
CA HIS B 28 -14.68 10.02 -8.81
C HIS B 28 -13.51 9.36 -8.08
N GLY B 29 -13.43 8.04 -8.18
CA GLY B 29 -12.34 7.32 -7.52
C GLY B 29 -12.18 7.66 -6.05
N LYS B 30 -10.96 7.97 -5.64
CA LYS B 30 -10.67 8.29 -4.24
C LYS B 30 -11.34 9.58 -3.78
N ASP B 31 -11.77 10.42 -4.71
CA ASP B 31 -12.40 11.69 -4.37
C ASP B 31 -13.91 11.64 -4.17
N TYR B 32 -14.53 10.52 -4.49
CA TYR B 32 -15.98 10.38 -4.31
C TYR B 32 -16.36 10.34 -2.84
N ILE B 33 -17.48 10.97 -2.52
CA ILE B 33 -18.00 10.99 -1.16
C ILE B 33 -19.45 10.54 -1.28
N PRO B 34 -19.81 9.40 -0.66
CA PRO B 34 -21.19 8.91 -0.75
C PRO B 34 -22.21 9.83 -0.08
N TRP B 35 -23.46 9.76 -0.52
CA TRP B 35 -24.51 10.59 0.05
C TRP B 35 -24.86 10.11 1.46
N LEU B 36 -24.92 8.79 1.63
CA LEU B 36 -25.22 8.18 2.92
C LEU B 36 -23.98 7.48 3.44
N THR B 37 -23.78 7.53 4.75
CA THR B 37 -22.64 6.90 5.40
C THR B 37 -23.17 5.87 6.38
N VAL B 38 -22.28 5.08 6.96
CA VAL B 38 -22.69 4.07 7.91
C VAL B 38 -23.49 4.66 9.08
N GLN B 39 -23.47 5.99 9.22
CA GLN B 39 -24.22 6.67 10.27
C GLN B 39 -25.70 6.57 9.99
N GLU B 40 -26.05 6.48 8.71
CA GLU B 40 -27.44 6.39 8.28
C GLU B 40 -27.92 4.97 8.10
N VAL B 41 -27.25 4.01 8.73
CA VAL B 41 -27.64 2.62 8.61
C VAL B 41 -28.99 2.39 9.30
N PRO B 42 -29.92 1.69 8.62
CA PRO B 42 -31.25 1.41 9.19
C PRO B 42 -31.20 0.34 10.30
N SER B 43 -32.12 0.43 11.24
CA SER B 43 -32.20 -0.51 12.35
C SER B 43 -32.23 -1.96 11.87
N SER B 44 -32.83 -2.16 10.70
CA SER B 44 -32.96 -3.49 10.11
C SER B 44 -31.72 -3.99 9.39
N GLY B 45 -30.54 -3.47 9.75
CA GLY B 45 -29.34 -3.91 9.07
C GLY B 45 -28.02 -3.65 9.77
N ARG B 46 -26.96 -4.26 9.23
CA ARG B 46 -25.62 -4.10 9.77
C ARG B 46 -24.81 -3.32 8.74
N SER B 47 -24.04 -2.35 9.20
CA SER B 47 -23.23 -1.53 8.30
C SER B 47 -21.80 -2.06 8.21
N HIS B 48 -21.09 -1.64 7.16
CA HIS B 48 -19.72 -2.08 6.94
C HIS B 48 -18.88 -0.99 6.30
N ARG B 49 -17.64 -0.85 6.78
CA ARG B 49 -16.70 0.10 6.20
C ARG B 49 -15.65 -0.84 5.63
N ILE B 50 -15.41 -0.75 4.32
CA ILE B 50 -14.43 -1.63 3.70
C ILE B 50 -13.56 -0.90 2.68
N TYR B 51 -12.26 -1.19 2.72
CA TYR B 51 -11.31 -0.57 1.81
C TYR B 51 -11.39 -1.26 0.46
N SER B 52 -11.21 -0.48 -0.61
CA SER B 52 -11.23 -1.01 -1.96
C SER B 52 -9.94 -0.69 -2.70
N HIS B 53 -9.32 -1.71 -3.28
CA HIS B 53 -8.09 -1.52 -4.03
C HIS B 53 -8.41 -0.72 -5.30
N LYS B 54 -9.56 -0.98 -5.90
CA LYS B 54 -9.98 -0.30 -7.12
C LYS B 54 -10.16 1.22 -7.00
N THR B 55 -10.64 1.68 -5.84
CA THR B 55 -10.88 3.11 -5.64
C THR B 55 -9.86 3.79 -4.74
N GLY B 56 -9.28 3.04 -3.83
CA GLY B 56 -8.30 3.62 -2.93
C GLY B 56 -8.91 4.24 -1.69
N ARG B 57 -10.22 4.09 -1.50
CA ARG B 57 -10.88 4.66 -0.32
C ARG B 57 -11.71 3.63 0.43
N VAL B 58 -12.23 4.03 1.58
CA VAL B 58 -13.06 3.15 2.40
C VAL B 58 -14.51 3.39 2.01
N HIS B 59 -15.18 2.31 1.64
CA HIS B 59 -16.57 2.41 1.22
C HIS B 59 -17.55 2.24 2.37
N HIS B 60 -18.75 2.81 2.20
CA HIS B 60 -19.80 2.74 3.22
C HIS B 60 -20.95 1.89 2.70
N LEU B 61 -21.11 0.69 3.25
CA LEU B 61 -22.18 -0.21 2.86
C LEU B 61 -23.14 -0.32 4.04
N LEU B 62 -24.44 -0.18 3.78
CA LEU B 62 -25.42 -0.20 4.85
C LEU B 62 -26.20 -1.47 5.11
N SER B 63 -25.71 -2.60 4.61
CA SER B 63 -26.37 -3.88 4.83
C SER B 63 -25.45 -5.00 4.37
N ASP B 64 -25.73 -6.21 4.82
CA ASP B 64 -24.92 -7.38 4.43
C ASP B 64 -25.09 -7.64 2.93
N LEU B 65 -26.28 -7.33 2.40
CA LEU B 65 -26.55 -7.53 0.97
C LEU B 65 -25.74 -6.54 0.15
N GLU B 66 -25.65 -5.29 0.61
CA GLU B 66 -24.84 -4.30 -0.09
C GLU B 66 -23.39 -4.74 -0.06
N LEU B 67 -22.97 -5.34 1.05
CA LEU B 67 -21.60 -5.82 1.18
C LEU B 67 -21.34 -6.92 0.15
N ALA B 68 -22.31 -7.82 -0.01
CA ALA B 68 -22.18 -8.92 -0.96
C ALA B 68 -22.03 -8.38 -2.38
N VAL B 69 -22.84 -7.38 -2.74
CA VAL B 69 -22.75 -6.79 -4.07
C VAL B 69 -21.41 -6.07 -4.25
N PHE B 70 -21.01 -5.30 -3.25
CA PHE B 70 -19.75 -4.57 -3.33
C PHE B 70 -18.57 -5.52 -3.58
N LEU B 71 -18.48 -6.57 -2.75
CA LEU B 71 -17.40 -7.54 -2.88
C LEU B 71 -17.41 -8.23 -4.24
N SER B 72 -18.60 -8.48 -4.77
CA SER B 72 -18.73 -9.12 -6.07
C SER B 72 -18.25 -8.17 -7.17
N LEU B 73 -18.62 -6.89 -7.06
CA LEU B 73 -18.20 -5.88 -8.02
C LEU B 73 -16.68 -5.67 -7.96
N GLU B 74 -16.16 -5.59 -6.74
CA GLU B 74 -14.73 -5.38 -6.50
C GLU B 74 -13.88 -6.51 -7.11
N TRP B 75 -14.47 -7.69 -7.26
CA TRP B 75 -13.77 -8.85 -7.81
C TRP B 75 -13.63 -8.80 -9.34
N GLU B 76 -14.60 -8.16 -10.01
CA GLU B 76 -14.61 -8.06 -11.47
C GLU B 76 -13.47 -7.21 -12.03
N SER B 77 -12.71 -7.79 -12.95
CA SER B 77 -11.59 -7.06 -13.55
C SER B 77 -12.02 -5.83 -14.34
N SER B 78 -13.19 -5.89 -14.98
CA SER B 78 -13.66 -4.75 -15.78
C SER B 78 -14.17 -3.55 -14.99
N VAL B 79 -14.46 -3.73 -13.71
CA VAL B 79 -14.94 -2.60 -12.92
C VAL B 79 -13.84 -1.60 -12.64
N LEU B 80 -14.08 -0.34 -12.99
CA LEU B 80 -13.11 0.74 -12.79
C LEU B 80 -13.41 1.59 -11.57
N ASP B 81 -14.70 1.83 -11.32
CA ASP B 81 -15.08 2.64 -10.17
C ASP B 81 -16.40 2.15 -9.61
N ILE B 82 -16.56 2.37 -8.31
CA ILE B 82 -17.77 1.97 -7.60
C ILE B 82 -18.15 3.16 -6.72
N ARG B 83 -19.31 3.76 -6.99
CA ARG B 83 -19.77 4.91 -6.23
C ARG B 83 -21.06 4.52 -5.52
N GLU B 84 -20.93 4.12 -4.26
CA GLU B 84 -22.06 3.69 -3.43
C GLU B 84 -22.91 4.85 -2.92
N GLN B 85 -24.18 4.58 -2.65
CA GLN B 85 -25.11 5.60 -2.15
C GLN B 85 -25.01 6.84 -3.01
N PHE B 86 -25.28 6.67 -4.31
CA PHE B 86 -25.21 7.77 -5.26
C PHE B 86 -26.52 8.56 -5.27
N PRO B 87 -26.46 9.86 -4.94
CA PRO B 87 -27.65 10.71 -4.90
C PRO B 87 -28.27 11.04 -6.25
N LEU B 88 -29.59 11.07 -6.29
CA LEU B 88 -30.32 11.39 -7.51
C LEU B 88 -30.76 12.85 -7.37
N LEU B 89 -30.49 13.67 -8.39
CA LEU B 89 -30.85 15.08 -8.34
C LEU B 89 -32.32 15.26 -7.95
N PRO B 90 -32.58 15.94 -6.82
CA PRO B 90 -33.96 16.15 -6.35
C PRO B 90 -34.90 16.88 -7.29
N SER B 91 -34.39 17.82 -8.09
CA SER B 91 -35.26 18.52 -9.03
C SER B 91 -35.78 17.55 -10.08
N ASP B 92 -34.97 16.53 -10.37
CA ASP B 92 -35.37 15.51 -11.36
C ASP B 92 -36.35 14.51 -10.77
N THR B 93 -36.05 13.98 -9.58
CA THR B 93 -36.96 13.01 -8.97
C THR B 93 -38.28 13.69 -8.63
N ARG B 94 -38.21 14.99 -8.36
CA ARG B 94 -39.42 15.76 -8.06
C ARG B 94 -40.33 15.76 -9.28
N GLN B 95 -39.76 16.07 -10.43
CA GLN B 95 -40.52 16.11 -11.68
C GLN B 95 -41.00 14.72 -12.09
N ILE B 96 -40.14 13.72 -11.90
CA ILE B 96 -40.48 12.35 -12.24
C ILE B 96 -41.66 11.86 -11.40
N ALA B 97 -41.67 12.21 -10.12
CA ALA B 97 -42.75 11.81 -9.22
C ALA B 97 -44.04 12.45 -9.72
N ILE B 98 -43.95 13.72 -10.09
CA ILE B 98 -45.10 14.46 -10.61
C ILE B 98 -45.66 13.80 -11.86
N ASP B 99 -44.80 13.55 -12.84
CA ASP B 99 -45.24 12.95 -14.09
C ASP B 99 -45.69 11.49 -13.95
N SER B 100 -45.08 10.77 -13.00
CA SER B 100 -45.42 9.36 -12.80
C SER B 100 -46.64 9.19 -11.90
N GLY B 101 -47.02 10.23 -11.18
CA GLY B 101 -48.17 10.12 -10.29
C GLY B 101 -47.81 9.31 -9.07
N ILE B 102 -46.67 9.64 -8.47
CA ILE B 102 -46.17 8.97 -7.28
C ILE B 102 -45.83 10.03 -6.24
N LYS B 103 -46.17 9.76 -4.98
CA LYS B 103 -45.83 10.70 -3.92
C LYS B 103 -44.33 10.60 -3.67
N HIS B 104 -43.63 11.71 -3.83
CA HIS B 104 -42.18 11.70 -3.62
C HIS B 104 -41.82 11.28 -2.20
N PRO B 105 -40.68 10.58 -2.04
CA PRO B 105 -40.25 10.14 -0.70
C PRO B 105 -40.16 11.37 0.22
N VAL B 106 -40.81 11.26 1.37
CA VAL B 106 -40.82 12.36 2.32
C VAL B 106 -40.67 11.81 3.73
N ILE B 107 -39.96 12.54 4.58
CA ILE B 107 -39.78 12.14 5.97
C ILE B 107 -39.88 13.41 6.80
N ARG B 108 -40.71 13.37 7.84
CA ARG B 108 -40.92 14.53 8.70
C ARG B 108 -41.21 15.79 7.89
N GLY B 109 -42.04 15.63 6.88
CA GLY B 109 -42.43 16.76 6.05
C GLY B 109 -41.41 17.28 5.05
N VAL B 110 -40.25 16.63 4.97
CA VAL B 110 -39.21 17.08 4.04
C VAL B 110 -38.94 16.05 2.94
N ASP B 111 -39.05 16.49 1.67
CA ASP B 111 -38.77 15.58 0.57
C ASP B 111 -37.33 15.13 0.74
N GLN B 112 -37.09 13.82 0.69
CA GLN B 112 -35.76 13.30 0.88
C GLN B 112 -35.00 13.07 -0.42
N VAL B 113 -33.68 13.20 -0.35
CA VAL B 113 -32.84 12.99 -1.52
C VAL B 113 -32.76 11.48 -1.75
N MET B 114 -33.19 11.03 -2.92
CA MET B 114 -33.14 9.61 -3.23
C MET B 114 -31.73 9.21 -3.60
N SER B 115 -31.41 7.92 -3.46
CA SER B 115 -30.08 7.46 -3.80
C SER B 115 -30.11 6.04 -4.32
N THR B 116 -29.16 5.75 -5.21
CA THR B 116 -29.01 4.42 -5.80
C THR B 116 -27.83 3.79 -5.10
N ASP B 117 -27.97 2.54 -4.69
CA ASP B 117 -26.92 1.87 -3.94
C ASP B 117 -25.56 1.84 -4.59
N PHE B 118 -25.52 1.60 -5.90
CA PHE B 118 -24.24 1.56 -6.60
C PHE B 118 -24.31 2.10 -8.02
N LEU B 119 -23.37 2.98 -8.35
CA LEU B 119 -23.24 3.50 -9.71
C LEU B 119 -21.87 2.93 -10.07
N VAL B 120 -21.85 2.06 -11.09
CA VAL B 120 -20.63 1.37 -11.49
C VAL B 120 -20.11 1.81 -12.86
N ASP B 121 -18.80 2.02 -12.95
CA ASP B 121 -18.14 2.40 -14.20
C ASP B 121 -17.25 1.23 -14.60
N CYS B 122 -17.29 0.86 -15.87
CA CYS B 122 -16.48 -0.26 -16.35
C CYS B 122 -15.63 0.08 -17.57
N LYS B 123 -14.64 -0.77 -17.80
CA LYS B 123 -13.73 -0.65 -18.93
C LYS B 123 -13.88 -2.03 -19.58
N ASP B 124 -14.49 -2.07 -20.77
CA ASP B 124 -14.73 -3.34 -21.45
C ASP B 124 -15.62 -4.24 -20.61
N GLY B 125 -16.52 -3.63 -19.86
CA GLY B 125 -17.44 -4.39 -19.03
C GLY B 125 -18.75 -4.64 -19.75
N PRO B 126 -19.82 -5.02 -19.04
CA PRO B 126 -21.12 -5.28 -19.65
C PRO B 126 -21.64 -4.00 -20.29
N PHE B 127 -21.42 -2.90 -19.58
CA PHE B 127 -21.82 -1.56 -20.00
C PHE B 127 -20.71 -0.66 -19.48
N GLU B 128 -20.52 0.50 -20.10
CA GLU B 128 -19.48 1.39 -19.62
C GLU B 128 -19.91 1.95 -18.27
N GLN B 129 -21.22 1.94 -18.02
CA GLN B 129 -21.77 2.43 -16.76
C GLN B 129 -23.16 1.85 -16.50
N PHE B 130 -23.39 1.34 -15.29
CA PHE B 130 -24.69 0.80 -14.94
C PHE B 130 -24.98 1.06 -13.46
N ALA B 131 -26.26 1.02 -13.10
CA ALA B 131 -26.67 1.30 -11.72
C ALA B 131 -27.38 0.11 -11.09
N ILE B 132 -27.26 -0.01 -9.77
CA ILE B 132 -27.87 -1.11 -9.05
C ILE B 132 -28.54 -0.65 -7.76
N GLN B 133 -29.76 -1.14 -7.53
CA GLN B 133 -30.45 -0.86 -6.28
C GLN B 133 -30.58 -2.23 -5.63
N VAL B 134 -30.22 -2.33 -4.36
CA VAL B 134 -30.27 -3.59 -3.65
C VAL B 134 -31.55 -3.68 -2.82
N LYS B 135 -32.23 -4.83 -2.85
CA LYS B 135 -33.46 -5.03 -2.07
C LYS B 135 -33.67 -6.48 -1.68
N PRO B 136 -34.29 -6.72 -0.50
CA PRO B 136 -34.53 -8.11 -0.13
C PRO B 136 -35.67 -8.53 -1.07
N ALA B 137 -35.65 -9.78 -1.54
CA ALA B 137 -36.66 -10.23 -2.47
C ALA B 137 -38.11 -9.98 -2.03
N ALA B 138 -38.39 -10.21 -0.75
CA ALA B 138 -39.74 -10.00 -0.22
C ALA B 138 -40.23 -8.56 -0.34
N ALA B 139 -39.31 -7.59 -0.31
CA ALA B 139 -39.72 -6.20 -0.41
C ALA B 139 -40.34 -5.87 -1.76
N LEU B 140 -40.05 -6.70 -2.76
CA LEU B 140 -40.60 -6.47 -4.10
C LEU B 140 -42.11 -6.69 -4.17
N GLN B 141 -42.70 -7.14 -3.07
CA GLN B 141 -44.15 -7.38 -3.01
C GLN B 141 -44.83 -6.14 -2.40
N ASP B 142 -44.03 -5.25 -1.82
CA ASP B 142 -44.54 -4.04 -1.18
C ASP B 142 -44.82 -2.93 -2.18
N GLU B 143 -46.03 -2.38 -2.14
CA GLU B 143 -46.41 -1.33 -3.08
C GLU B 143 -45.61 -0.04 -2.96
N ARG B 144 -45.29 0.39 -1.74
CA ARG B 144 -44.53 1.63 -1.59
C ARG B 144 -43.11 1.44 -2.10
N THR B 145 -42.53 0.27 -1.83
CA THR B 145 -41.18 -0.03 -2.30
C THR B 145 -41.18 0.03 -3.83
N LEU B 146 -42.22 -0.51 -4.44
CA LEU B 146 -42.32 -0.52 -5.90
C LEU B 146 -42.42 0.90 -6.46
N GLU B 147 -43.17 1.77 -5.80
CA GLU B 147 -43.28 3.15 -6.25
C GLU B 147 -41.93 3.84 -6.22
N LYS B 148 -41.20 3.68 -5.11
CA LYS B 148 -39.89 4.32 -5.00
C LYS B 148 -38.92 3.71 -6.01
N LEU B 149 -39.06 2.41 -6.28
CA LEU B 149 -38.18 1.78 -7.26
C LEU B 149 -38.51 2.35 -8.64
N GLU B 150 -39.79 2.57 -8.92
CA GLU B 150 -40.20 3.09 -10.21
C GLU B 150 -39.65 4.50 -10.46
N LEU B 151 -39.56 5.31 -9.41
CA LEU B 151 -39.00 6.65 -9.54
C LEU B 151 -37.52 6.54 -9.94
N GLU B 152 -36.82 5.64 -9.27
CA GLU B 152 -35.40 5.41 -9.53
C GLU B 152 -35.18 4.87 -10.96
N ARG B 153 -35.98 3.88 -11.34
CA ARG B 153 -35.88 3.28 -12.67
C ARG B 153 -36.02 4.37 -13.73
N ARG B 154 -37.01 5.25 -13.57
CA ARG B 154 -37.23 6.32 -14.53
C ARG B 154 -36.08 7.32 -14.55
N TYR B 155 -35.48 7.56 -13.40
CA TYR B 155 -34.37 8.50 -13.33
C TYR B 155 -33.25 8.03 -14.24
N TRP B 156 -32.83 6.78 -14.06
CA TRP B 156 -31.75 6.24 -14.87
C TRP B 156 -32.15 6.04 -16.33
N GLN B 157 -33.43 5.75 -16.58
CA GLN B 157 -33.87 5.58 -17.96
C GLN B 157 -33.64 6.89 -18.72
N GLN B 158 -33.98 7.99 -18.08
CA GLN B 158 -33.81 9.31 -18.69
C GLN B 158 -32.34 9.57 -19.03
N LYS B 159 -31.43 8.99 -18.26
CA LYS B 159 -30.01 9.19 -18.50
C LYS B 159 -29.40 8.13 -19.42
N GLN B 160 -30.22 7.19 -19.87
CA GLN B 160 -29.78 6.13 -20.77
C GLN B 160 -28.73 5.23 -20.13
N ILE B 161 -28.84 5.05 -18.82
CA ILE B 161 -27.93 4.21 -18.07
C ILE B 161 -28.70 2.99 -17.55
N PRO B 162 -28.23 1.78 -17.87
CA PRO B 162 -28.85 0.53 -17.45
C PRO B 162 -29.00 0.48 -15.93
N TRP B 163 -30.17 0.05 -15.47
CA TRP B 163 -30.45 -0.04 -14.04
C TRP B 163 -31.00 -1.41 -13.69
N PHE B 164 -30.45 -2.02 -12.65
CA PHE B 164 -30.91 -3.34 -12.22
C PHE B 164 -31.16 -3.38 -10.73
N ILE B 165 -31.95 -4.36 -10.32
CA ILE B 165 -32.24 -4.59 -8.92
C ILE B 165 -31.54 -5.89 -8.57
N PHE B 166 -30.84 -5.91 -7.44
CA PHE B 166 -30.15 -7.10 -6.96
C PHE B 166 -30.71 -7.49 -5.60
N THR B 167 -31.03 -8.77 -5.42
CA THR B 167 -31.52 -9.25 -4.13
C THR B 167 -30.57 -10.32 -3.62
N ASP B 168 -30.85 -10.84 -2.43
CA ASP B 168 -30.04 -11.89 -1.84
C ASP B 168 -29.97 -13.09 -2.77
N LYS B 169 -31.02 -13.32 -3.54
CA LYS B 169 -31.08 -14.44 -4.46
C LYS B 169 -30.13 -14.33 -5.66
N GLU B 170 -29.55 -13.16 -5.89
CA GLU B 170 -28.63 -13.01 -7.02
C GLU B 170 -27.15 -13.15 -6.65
N ILE B 171 -26.88 -13.40 -5.37
CA ILE B 171 -25.50 -13.55 -4.91
C ILE B 171 -25.03 -14.99 -5.12
N ASN B 172 -23.86 -15.16 -5.74
CA ASN B 172 -23.33 -16.50 -5.96
C ASN B 172 -23.22 -17.21 -4.61
N PRO B 173 -23.66 -18.47 -4.54
CA PRO B 173 -23.63 -19.26 -3.30
C PRO B 173 -22.27 -19.43 -2.59
N VAL B 174 -21.17 -19.45 -3.33
CA VAL B 174 -19.85 -19.59 -2.70
C VAL B 174 -19.51 -18.23 -2.09
N VAL B 175 -19.88 -17.17 -2.79
CA VAL B 175 -19.63 -15.83 -2.31
C VAL B 175 -20.36 -15.65 -0.98
N LYS B 176 -21.62 -16.08 -0.91
CA LYS B 176 -22.34 -15.91 0.34
C LYS B 176 -21.72 -16.69 1.50
N GLU B 177 -21.28 -17.93 1.24
CA GLU B 177 -20.66 -18.73 2.29
C GLU B 177 -19.39 -18.03 2.76
N ASN B 178 -18.66 -17.41 1.83
CA ASN B 178 -17.44 -16.71 2.20
C ASN B 178 -17.77 -15.54 3.11
N ILE B 179 -18.85 -14.83 2.79
CA ILE B 179 -19.28 -13.69 3.60
C ILE B 179 -19.70 -14.16 4.98
N GLU B 180 -20.39 -15.29 5.05
CA GLU B 180 -20.84 -15.82 6.33
C GLU B 180 -19.64 -16.12 7.21
N TRP B 181 -18.59 -16.67 6.61
CA TRP B 181 -17.38 -17.00 7.36
C TRP B 181 -16.60 -15.73 7.74
N LEU B 182 -16.36 -14.88 6.76
CA LEU B 182 -15.62 -13.63 6.98
C LEU B 182 -16.30 -12.64 7.91
N TYR B 183 -17.62 -12.61 7.89
CA TYR B 183 -18.38 -11.67 8.71
C TYR B 183 -19.39 -12.37 9.62
N SER B 184 -19.07 -13.59 10.04
CA SER B 184 -19.97 -14.35 10.91
C SER B 184 -20.18 -13.61 12.22
N VAL B 185 -19.10 -13.04 12.75
CA VAL B 185 -19.16 -12.29 13.99
C VAL B 185 -18.88 -10.82 13.65
N LYS B 186 -18.91 -9.97 14.66
CA LYS B 186 -18.64 -8.55 14.44
C LYS B 186 -17.22 -8.38 13.94
N THR B 187 -17.06 -7.65 12.84
CA THR B 187 -15.75 -7.41 12.25
C THR B 187 -14.78 -6.76 13.23
N GLU B 188 -13.61 -7.38 13.36
CA GLU B 188 -12.58 -6.87 14.27
C GLU B 188 -12.13 -5.47 13.84
N GLU B 189 -11.83 -4.63 14.82
CA GLU B 189 -11.38 -3.27 14.56
C GLU B 189 -9.94 -3.24 14.07
N VAL B 190 -9.69 -2.45 13.04
CA VAL B 190 -8.35 -2.33 12.47
C VAL B 190 -7.47 -1.45 13.34
N SER B 191 -6.31 -1.99 13.71
CA SER B 191 -5.36 -1.27 14.54
C SER B 191 -4.05 -1.17 13.78
N ALA B 192 -3.21 -0.21 14.16
CA ALA B 192 -1.92 -0.03 13.51
C ALA B 192 -1.11 -1.33 13.56
N GLU B 193 -1.24 -2.05 14.67
CA GLU B 193 -0.53 -3.30 14.85
C GLU B 193 -0.93 -4.36 13.82
N LEU B 194 -2.23 -4.43 13.53
CA LEU B 194 -2.75 -5.38 12.55
C LEU B 194 -2.28 -4.98 11.15
N LEU B 195 -2.43 -3.70 10.83
CA LEU B 195 -2.03 -3.19 9.53
C LEU B 195 -0.54 -3.43 9.27
N ALA B 196 0.24 -3.43 10.35
CA ALA B 196 1.69 -3.64 10.24
C ALA B 196 2.02 -5.04 9.72
N GLN B 197 1.07 -5.96 9.85
CA GLN B 197 1.29 -7.33 9.40
C GLN B 197 1.23 -7.49 7.88
N LEU B 198 0.59 -6.54 7.21
CA LEU B 198 0.46 -6.62 5.76
C LEU B 198 1.79 -6.81 5.04
N SER B 199 2.82 -6.10 5.47
CA SER B 199 4.12 -6.21 4.83
C SER B 199 4.74 -7.60 4.96
N PRO B 200 4.95 -8.08 6.19
CA PRO B 200 5.54 -9.42 6.32
C PRO B 200 4.68 -10.54 5.72
N LEU B 201 3.36 -10.44 5.87
CA LEU B 201 2.46 -11.47 5.33
C LEU B 201 2.54 -11.50 3.80
N ALA B 202 2.57 -10.33 3.18
CA ALA B 202 2.64 -10.25 1.73
C ALA B 202 3.85 -11.03 1.19
N HIS B 203 4.99 -10.88 1.84
CA HIS B 203 6.20 -11.57 1.42
C HIS B 203 6.08 -13.09 1.55
N ILE B 204 5.49 -13.53 2.67
CA ILE B 204 5.30 -14.96 2.90
C ILE B 204 4.35 -15.52 1.83
N LEU B 205 3.23 -14.84 1.62
CA LEU B 205 2.26 -15.28 0.64
C LEU B 205 2.88 -15.34 -0.76
N GLN B 206 3.79 -14.42 -1.04
CA GLN B 206 4.45 -14.39 -2.35
C GLN B 206 5.31 -15.64 -2.49
N GLU B 207 6.08 -15.96 -1.45
CA GLU B 207 6.95 -17.12 -1.46
C GLU B 207 6.19 -18.43 -1.55
N LYS B 208 5.05 -18.51 -0.86
CA LYS B 208 4.22 -19.72 -0.83
C LYS B 208 3.04 -19.60 -1.79
N GLY B 209 3.24 -18.88 -2.89
CA GLY B 209 2.19 -18.66 -3.87
C GLY B 209 1.31 -19.81 -4.32
N ASP B 210 1.89 -20.97 -4.58
CA ASP B 210 1.10 -22.11 -5.05
C ASP B 210 0.54 -23.00 -3.96
N GLU B 211 0.74 -22.61 -2.70
CA GLU B 211 0.25 -23.40 -1.59
C GLU B 211 -1.07 -22.90 -1.03
N ASN B 212 -1.84 -23.84 -0.47
CA ASN B 212 -3.13 -23.54 0.12
C ASN B 212 -2.97 -22.51 1.24
N ILE B 213 -3.81 -21.49 1.25
CA ILE B 213 -3.73 -20.43 2.25
C ILE B 213 -3.88 -20.91 3.70
N ILE B 214 -4.80 -21.85 3.93
CA ILE B 214 -5.02 -22.36 5.29
C ILE B 214 -3.78 -23.10 5.79
N ASN B 215 -3.19 -23.93 4.93
CA ASN B 215 -2.00 -24.67 5.32
C ASN B 215 -0.86 -23.71 5.64
N VAL B 216 -0.67 -22.71 4.79
CA VAL B 216 0.40 -21.75 4.98
C VAL B 216 0.27 -20.98 6.30
N CYS B 217 -0.95 -20.56 6.63
CA CYS B 217 -1.18 -19.82 7.86
C CYS B 217 -0.74 -20.59 9.09
N LYS B 218 -1.02 -21.89 9.12
CA LYS B 218 -0.62 -22.70 10.26
C LYS B 218 0.87 -23.02 10.20
N GLN B 219 1.42 -23.15 8.98
CA GLN B 219 2.84 -23.44 8.81
C GLN B 219 3.62 -22.22 9.31
N VAL B 220 3.01 -21.04 9.15
CA VAL B 220 3.61 -19.79 9.61
C VAL B 220 3.58 -19.77 11.14
N ASP B 221 2.44 -20.16 11.71
CA ASP B 221 2.30 -20.19 13.16
C ASP B 221 3.37 -21.08 13.77
N ILE B 222 3.62 -22.23 13.15
CA ILE B 222 4.63 -23.16 13.64
C ILE B 222 6.05 -22.60 13.46
N ALA B 223 6.36 -22.18 12.25
CA ALA B 223 7.68 -21.65 11.92
C ALA B 223 8.10 -20.48 12.81
N TYR B 224 7.14 -19.63 13.17
CA TYR B 224 7.45 -18.47 14.01
C TYR B 224 6.95 -18.66 15.44
N ASP B 225 6.66 -19.90 15.79
CA ASP B 225 6.20 -20.24 17.13
C ASP B 225 5.10 -19.31 17.68
N LEU B 226 3.95 -19.30 17.01
CA LEU B 226 2.80 -18.49 17.43
C LEU B 226 1.71 -19.44 17.89
N GLU B 227 0.64 -18.90 18.44
CA GLU B 227 -0.49 -19.73 18.86
C GLU B 227 -1.15 -20.13 17.56
N LEU B 228 -1.48 -21.40 17.40
CA LEU B 228 -2.12 -21.85 16.17
C LEU B 228 -3.39 -21.03 15.91
N GLY B 229 -3.67 -20.77 14.64
CA GLY B 229 -4.84 -20.00 14.28
C GLY B 229 -4.58 -18.51 14.32
N LYS B 230 -3.42 -18.12 14.84
CA LYS B 230 -3.07 -16.71 14.93
C LYS B 230 -2.98 -16.03 13.57
N THR B 231 -2.15 -16.58 12.68
CA THR B 231 -1.98 -15.99 11.36
C THR B 231 -3.29 -15.93 10.59
N LEU B 232 -4.10 -16.99 10.65
CA LEU B 232 -5.37 -16.98 9.93
C LEU B 232 -6.27 -15.89 10.50
N SER B 233 -6.27 -15.70 11.82
CA SER B 233 -7.11 -14.68 12.42
C SER B 233 -6.69 -13.30 11.88
N GLU B 234 -5.39 -13.11 11.63
CA GLU B 234 -4.94 -11.83 11.12
C GLU B 234 -5.37 -11.64 9.66
N ILE B 235 -5.16 -12.67 8.84
CA ILE B 235 -5.55 -12.62 7.43
C ILE B 235 -7.06 -12.36 7.34
N ARG B 236 -7.80 -13.05 8.19
CA ARG B 236 -9.25 -12.92 8.22
C ARG B 236 -9.70 -11.48 8.44
N ALA B 237 -9.16 -10.83 9.46
CA ALA B 237 -9.53 -9.46 9.77
C ALA B 237 -9.11 -8.50 8.65
N LEU B 238 -7.91 -8.71 8.12
CA LEU B 238 -7.40 -7.87 7.06
C LEU B 238 -8.23 -8.02 5.78
N THR B 239 -8.68 -9.24 5.51
CA THR B 239 -9.50 -9.49 4.34
C THR B 239 -10.90 -8.90 4.56
N ALA B 240 -11.46 -9.11 5.75
CA ALA B 240 -12.79 -8.59 6.05
C ALA B 240 -12.84 -7.07 5.88
N ASN B 241 -11.75 -6.40 6.25
CA ASN B 241 -11.69 -4.95 6.14
C ASN B 241 -11.27 -4.46 4.75
N GLY B 242 -11.00 -5.41 3.85
CA GLY B 242 -10.65 -5.06 2.48
C GLY B 242 -9.20 -4.85 2.07
N PHE B 243 -8.27 -4.91 3.01
CA PHE B 243 -6.87 -4.70 2.66
C PHE B 243 -6.30 -5.88 1.90
N ILE B 244 -7.00 -7.00 1.99
CA ILE B 244 -6.64 -8.22 1.29
C ILE B 244 -7.89 -8.60 0.49
N LYS B 245 -7.70 -8.94 -0.79
CA LYS B 245 -8.81 -9.37 -1.65
C LYS B 245 -8.46 -10.78 -2.07
N PHE B 246 -9.48 -11.61 -2.33
CA PHE B 246 -9.20 -12.98 -2.75
C PHE B 246 -10.20 -13.44 -3.80
N ASN B 247 -10.07 -14.68 -4.26
CA ASN B 247 -11.01 -15.18 -5.26
C ASN B 247 -12.27 -15.53 -4.49
N ILE B 248 -13.18 -14.57 -4.38
CA ILE B 248 -14.41 -14.78 -3.63
C ILE B 248 -15.35 -15.82 -4.22
N TYR B 249 -15.14 -16.18 -5.49
CA TYR B 249 -15.98 -17.19 -6.12
C TYR B 249 -15.54 -18.61 -5.80
N LYS B 250 -14.47 -18.73 -5.03
CA LYS B 250 -13.96 -20.01 -4.59
C LYS B 250 -13.95 -19.93 -3.06
N SER B 251 -14.20 -21.05 -2.38
CA SER B 251 -14.19 -21.02 -0.91
C SER B 251 -12.83 -20.49 -0.44
N PHE B 252 -12.85 -19.57 0.52
CA PHE B 252 -11.59 -19.01 1.01
C PHE B 252 -10.61 -20.11 1.39
N ARG B 253 -11.09 -21.17 2.03
CA ARG B 253 -10.25 -22.28 2.46
C ARG B 253 -9.58 -22.99 1.29
N ALA B 254 -10.09 -22.78 0.08
CA ALA B 254 -9.52 -23.43 -1.10
C ALA B 254 -8.64 -22.49 -1.93
N ASN B 255 -8.56 -21.23 -1.51
CA ASN B 255 -7.72 -20.28 -2.23
C ASN B 255 -6.25 -20.62 -2.00
N LYS B 256 -5.42 -20.32 -2.98
CA LYS B 256 -3.98 -20.54 -2.85
C LYS B 256 -3.45 -19.17 -2.47
N CYS B 257 -2.27 -19.10 -1.91
CA CYS B 257 -1.73 -17.81 -1.51
C CYS B 257 -1.67 -16.82 -2.67
N ALA B 258 -1.46 -17.32 -3.87
CA ALA B 258 -1.38 -16.46 -5.04
C ALA B 258 -2.72 -15.79 -5.35
N ASP B 259 -3.81 -16.38 -4.86
CA ASP B 259 -5.15 -15.81 -5.09
C ASP B 259 -5.43 -14.57 -4.25
N LEU B 260 -4.56 -14.31 -3.28
CA LEU B 260 -4.74 -13.16 -2.40
C LEU B 260 -3.94 -11.94 -2.85
N CYS B 261 -4.64 -10.82 -3.01
CA CYS B 261 -4.04 -9.57 -3.44
C CYS B 261 -3.96 -8.69 -2.20
N ILE B 262 -2.74 -8.34 -1.80
CA ILE B 262 -2.56 -7.55 -0.58
C ILE B 262 -2.12 -6.12 -0.81
N SER B 263 -2.73 -5.19 -0.07
CA SER B 263 -2.38 -3.78 -0.14
C SER B 263 -1.52 -3.42 1.06
N GLN B 264 -0.52 -2.58 0.87
CA GLN B 264 0.35 -2.16 1.96
C GLN B 264 -0.07 -0.77 2.43
N VAL B 265 0.18 -0.46 3.69
CA VAL B 265 -0.18 0.85 4.21
C VAL B 265 1.06 1.71 4.45
N VAL B 266 0.95 2.99 4.17
CA VAL B 266 2.05 3.91 4.36
C VAL B 266 1.55 5.28 4.79
N ASN B 267 2.33 5.95 5.64
CA ASN B 267 1.99 7.29 6.12
C ASN B 267 2.80 8.27 5.28
N MET B 268 2.16 8.92 4.32
CA MET B 268 2.82 9.87 3.43
C MET B 268 3.48 11.06 4.12
N GLU B 269 3.15 11.28 5.38
CA GLU B 269 3.74 12.39 6.13
C GLU B 269 5.23 12.13 6.31
N GLU B 270 5.60 10.86 6.26
CA GLU B 270 6.99 10.45 6.42
C GLU B 270 7.79 10.78 5.17
N LEU B 271 7.10 11.06 4.07
CA LEU B 271 7.75 11.40 2.81
C LEU B 271 7.49 12.86 2.42
N ILE C 4 46.57 1.43 27.81
CA ILE C 4 45.56 2.29 28.49
C ILE C 4 45.65 3.73 27.98
N LYS C 5 46.75 4.03 27.29
CA LYS C 5 47.00 5.37 26.76
C LYS C 5 46.59 5.46 25.29
N VAL C 6 45.95 6.57 24.93
CA VAL C 6 45.51 6.77 23.55
C VAL C 6 46.71 6.76 22.61
N VAL C 7 46.76 5.76 21.74
CA VAL C 7 47.84 5.61 20.78
C VAL C 7 47.85 6.71 19.74
N LYS C 8 48.97 7.42 19.63
CA LYS C 8 49.10 8.51 18.65
C LYS C 8 49.49 7.91 17.30
N PRO C 9 49.09 8.57 16.20
CA PRO C 9 49.40 8.11 14.85
C PRO C 9 50.84 7.64 14.63
N SER C 10 51.79 8.29 15.30
CA SER C 10 53.19 7.93 15.15
C SER C 10 53.50 6.54 15.67
N ASP C 11 52.63 6.00 16.52
CA ASP C 11 52.85 4.67 17.07
C ASP C 11 51.88 3.62 16.52
N TRP C 12 51.15 3.96 15.47
CA TRP C 12 50.22 3.01 14.88
C TRP C 12 50.90 1.77 14.33
N ASP C 13 52.18 1.88 13.99
CA ASP C 13 52.91 0.74 13.43
C ASP C 13 53.16 -0.37 14.44
N SER C 14 52.73 -0.15 15.68
CA SER C 14 52.90 -1.15 16.74
C SER C 14 51.61 -1.92 17.03
N LEU C 15 50.52 -1.52 16.38
CA LEU C 15 49.22 -2.15 16.58
C LEU C 15 49.07 -3.51 15.87
N PRO C 16 48.00 -4.27 16.17
CA PRO C 16 47.75 -5.58 15.57
C PRO C 16 47.59 -5.52 14.05
N ASP C 17 47.92 -6.63 13.38
CA ASP C 17 47.85 -6.73 11.92
C ASP C 17 46.52 -6.36 11.29
N THR C 18 45.42 -6.68 11.97
CA THR C 18 44.09 -6.40 11.44
C THR C 18 43.52 -5.06 11.83
N ASP C 19 44.26 -4.31 12.64
CA ASP C 19 43.84 -2.99 13.10
C ASP C 19 43.97 -2.03 11.91
N LEU C 20 42.90 -1.32 11.60
CA LEU C 20 42.91 -0.39 10.48
C LEU C 20 44.01 0.65 10.60
N ARG C 21 44.37 1.01 11.84
CA ARG C 21 45.41 1.99 12.07
C ARG C 21 46.78 1.43 11.66
N TYR C 22 47.02 0.16 11.98
CA TYR C 22 48.28 -0.49 11.62
C TYR C 22 48.37 -0.58 10.10
N ILE C 23 47.27 -1.01 9.47
CA ILE C 23 47.22 -1.15 8.03
C ILE C 23 47.56 0.17 7.36
N TYR C 24 47.03 1.26 7.88
CA TYR C 24 47.30 2.58 7.33
C TYR C 24 48.78 2.91 7.46
N SER C 25 49.37 2.61 8.61
CA SER C 25 50.78 2.91 8.85
C SER C 25 51.75 2.18 7.92
N GLN C 26 51.38 0.99 7.50
CA GLN C 26 52.24 0.18 6.63
C GLN C 26 51.85 0.18 5.15
N ARG C 27 50.91 1.05 4.79
CA ARG C 27 50.43 1.13 3.42
C ARG C 27 51.47 1.67 2.44
N GLN C 28 51.25 1.43 1.14
CA GLN C 28 52.14 1.94 0.10
C GLN C 28 51.63 3.36 -0.11
N PRO C 29 52.42 4.36 0.29
CA PRO C 29 52.02 5.77 0.15
C PRO C 29 51.63 6.23 -1.26
N GLU C 30 52.10 5.54 -2.29
CA GLU C 30 51.75 5.94 -3.66
C GLU C 30 50.36 5.43 -4.02
N LYS C 31 49.79 4.61 -3.15
CA LYS C 31 48.45 4.05 -3.36
C LYS C 31 47.53 4.61 -2.28
N THR C 32 46.22 4.44 -2.47
CA THR C 32 45.26 4.96 -1.51
C THR C 32 44.92 3.93 -0.43
N MET C 33 44.30 4.40 0.66
CA MET C 33 43.89 3.49 1.72
C MET C 33 42.76 2.65 1.13
N HIS C 34 41.96 3.27 0.27
CA HIS C 34 40.87 2.55 -0.36
C HIS C 34 41.42 1.33 -1.10
N GLU C 35 42.44 1.54 -1.92
CA GLU C 35 43.03 0.43 -2.66
C GLU C 35 43.53 -0.65 -1.74
N ARG C 36 44.18 -0.25 -0.66
CA ARG C 36 44.72 -1.19 0.31
C ARG C 36 43.63 -2.01 1.01
N LEU C 37 42.57 -1.34 1.47
CA LEU C 37 41.50 -2.04 2.17
C LEU C 37 40.69 -2.93 1.24
N LYS C 38 40.55 -2.53 -0.03
CA LYS C 38 39.78 -3.34 -0.96
C LYS C 38 40.59 -4.62 -1.23
N GLY C 39 41.90 -4.48 -1.31
CA GLY C 39 42.74 -5.64 -1.54
C GLY C 39 42.63 -6.66 -0.42
N LYS C 40 42.39 -6.18 0.80
CA LYS C 40 42.28 -7.05 1.96
C LYS C 40 40.86 -7.58 2.21
N GLY C 41 39.90 -7.13 1.41
CA GLY C 41 38.54 -7.60 1.59
C GLY C 41 37.76 -6.85 2.66
N VAL C 42 38.33 -5.76 3.16
CA VAL C 42 37.63 -4.95 4.16
C VAL C 42 36.58 -4.15 3.40
N ILE C 43 36.94 -3.74 2.18
CA ILE C 43 36.04 -3.00 1.31
C ILE C 43 35.63 -4.00 0.23
N VAL C 44 34.33 -4.09 -0.05
CA VAL C 44 33.85 -5.00 -1.07
C VAL C 44 32.72 -4.34 -1.85
N ASP C 45 32.43 -4.84 -3.05
CA ASP C 45 31.31 -4.29 -3.80
C ASP C 45 30.14 -5.23 -3.57
N MET C 46 28.93 -4.73 -3.77
CA MET C 46 27.72 -5.49 -3.54
C MET C 46 27.75 -6.92 -4.08
N ALA C 47 28.26 -7.10 -5.30
CA ALA C 47 28.31 -8.43 -5.91
C ALA C 47 28.91 -9.50 -4.98
N SER C 48 30.06 -9.19 -4.37
CA SER C 48 30.73 -10.13 -3.49
C SER C 48 29.90 -10.64 -2.31
N LEU C 49 28.89 -9.86 -1.92
CA LEU C 49 28.06 -10.24 -0.78
C LEU C 49 26.84 -11.07 -1.12
N PHE C 50 26.52 -11.20 -2.41
CA PHE C 50 25.35 -11.96 -2.80
C PHE C 50 25.61 -13.01 -3.87
N LYS C 51 24.72 -14.00 -3.94
CA LYS C 51 24.82 -15.07 -4.91
C LYS C 51 24.97 -14.49 -6.31
N GLN C 52 25.94 -14.99 -7.06
CA GLN C 52 26.18 -14.51 -8.41
C GLN C 52 25.01 -14.92 -9.31
N LYS D 5 -54.00 13.50 -9.72
CA LYS D 5 -52.77 13.03 -10.42
C LYS D 5 -51.86 12.25 -9.48
N VAL D 6 -52.37 11.11 -9.01
CA VAL D 6 -51.64 10.20 -8.15
C VAL D 6 -52.33 8.85 -8.34
N VAL D 7 -51.73 8.02 -9.17
CA VAL D 7 -52.28 6.71 -9.50
C VAL D 7 -52.39 5.77 -8.30
N LYS D 8 -53.61 5.33 -8.01
CA LYS D 8 -53.82 4.41 -6.91
C LYS D 8 -53.46 3.01 -7.40
N PRO D 9 -53.04 2.12 -6.49
CA PRO D 9 -52.66 0.76 -6.83
C PRO D 9 -53.69 0.05 -7.71
N SER D 10 -54.97 0.31 -7.46
CA SER D 10 -56.04 -0.32 -8.23
C SER D 10 -56.05 0.11 -9.70
N ASP D 11 -55.30 1.16 -10.02
CA ASP D 11 -55.24 1.66 -11.40
C ASP D 11 -53.86 1.50 -12.01
N TRP D 12 -53.03 0.69 -11.38
CA TRP D 12 -51.67 0.48 -11.89
C TRP D 12 -51.67 -0.20 -13.26
N ASP D 13 -52.76 -0.88 -13.60
CA ASP D 13 -52.86 -1.55 -14.88
C ASP D 13 -52.99 -0.58 -16.06
N SER D 14 -53.06 0.71 -15.77
CA SER D 14 -53.19 1.72 -16.82
C SER D 14 -51.85 2.35 -17.18
N LEU D 15 -50.79 1.90 -16.52
CA LEU D 15 -49.45 2.44 -16.72
C LEU D 15 -48.64 1.79 -17.84
N PRO D 16 -47.53 2.45 -18.25
CA PRO D 16 -46.63 1.96 -19.31
C PRO D 16 -46.10 0.56 -19.04
N ASP D 17 -45.82 -0.17 -20.10
CA ASP D 17 -45.33 -1.54 -20.00
C ASP D 17 -44.05 -1.76 -19.19
N THR D 18 -43.17 -0.76 -19.13
CA THR D 18 -41.92 -0.91 -18.39
C THR D 18 -42.03 -0.41 -16.95
N ASP D 19 -43.19 0.17 -16.63
CA ASP D 19 -43.42 0.69 -15.29
C ASP D 19 -43.52 -0.49 -14.33
N LEU D 20 -42.74 -0.47 -13.25
CA LEU D 20 -42.76 -1.56 -12.29
C LEU D 20 -44.15 -1.77 -11.70
N ARG D 21 -44.90 -0.68 -11.55
CA ARG D 21 -46.25 -0.76 -11.01
C ARG D 21 -47.15 -1.54 -11.97
N TYR D 22 -47.00 -1.27 -13.26
CA TYR D 22 -47.79 -1.98 -14.25
C TYR D 22 -47.41 -3.46 -14.20
N ILE D 23 -46.11 -3.72 -14.16
CA ILE D 23 -45.59 -5.09 -14.11
C ILE D 23 -46.15 -5.83 -12.89
N TYR D 24 -46.29 -5.11 -11.78
CA TYR D 24 -46.83 -5.70 -10.57
C TYR D 24 -48.30 -6.05 -10.82
N SER D 25 -49.05 -5.09 -11.36
CA SER D 25 -50.48 -5.29 -11.62
C SER D 25 -50.78 -6.49 -12.51
N GLN D 26 -49.84 -6.84 -13.39
CA GLN D 26 -50.05 -7.96 -14.31
C GLN D 26 -49.35 -9.26 -13.89
N ARG D 27 -48.76 -9.27 -12.70
CA ARG D 27 -48.05 -10.46 -12.24
C ARG D 27 -48.93 -11.69 -12.10
N GLN D 28 -48.31 -12.86 -12.22
CA GLN D 28 -49.00 -14.13 -12.06
C GLN D 28 -48.85 -14.45 -10.57
N PRO D 29 -49.97 -14.45 -9.82
CA PRO D 29 -50.08 -14.72 -8.39
C PRO D 29 -49.35 -15.93 -7.83
N GLU D 30 -49.22 -16.99 -8.60
CA GLU D 30 -48.53 -18.19 -8.12
C GLU D 30 -47.01 -18.00 -8.10
N LYS D 31 -46.54 -16.87 -8.61
CA LYS D 31 -45.12 -16.55 -8.66
C LYS D 31 -44.88 -15.28 -7.84
N THR D 32 -43.61 -15.01 -7.52
CA THR D 32 -43.26 -13.82 -6.76
C THR D 32 -42.89 -12.68 -7.70
N MET D 33 -42.82 -11.46 -7.17
CA MET D 33 -42.42 -10.32 -8.00
C MET D 33 -40.95 -10.49 -8.37
N HIS D 34 -40.18 -11.12 -7.48
CA HIS D 34 -38.77 -11.35 -7.77
C HIS D 34 -38.66 -12.18 -9.05
N GLU D 35 -39.39 -13.29 -9.09
CA GLU D 35 -39.37 -14.17 -10.25
C GLU D 35 -39.79 -13.45 -11.52
N ARG D 36 -40.82 -12.61 -11.42
CA ARG D 36 -41.32 -11.86 -12.57
C ARG D 36 -40.30 -10.84 -13.06
N LEU D 37 -39.68 -10.10 -12.14
CA LEU D 37 -38.70 -9.10 -12.53
C LEU D 37 -37.42 -9.72 -13.07
N LYS D 38 -37.08 -10.90 -12.58
CA LYS D 38 -35.87 -11.57 -13.07
C LYS D 38 -36.13 -12.03 -14.49
N GLY D 39 -37.34 -12.54 -14.71
CA GLY D 39 -37.71 -13.01 -16.03
C GLY D 39 -37.67 -11.88 -17.05
N LYS D 40 -37.92 -10.65 -16.60
CA LYS D 40 -37.92 -9.50 -17.49
C LYS D 40 -36.56 -8.80 -17.58
N GLY D 41 -35.57 -9.36 -16.91
CA GLY D 41 -34.23 -8.78 -16.95
C GLY D 41 -34.01 -7.57 -16.06
N VAL D 42 -34.97 -7.25 -15.21
CA VAL D 42 -34.83 -6.11 -14.31
C VAL D 42 -33.90 -6.56 -13.18
N ILE D 43 -34.04 -7.82 -12.80
CA ILE D 43 -33.20 -8.42 -11.78
C ILE D 43 -32.27 -9.38 -12.53
N VAL D 44 -30.98 -9.31 -12.25
CA VAL D 44 -30.01 -10.18 -12.92
C VAL D 44 -28.92 -10.69 -11.98
N ASP D 45 -28.37 -11.85 -12.31
CA ASP D 45 -27.29 -12.46 -11.54
C ASP D 45 -26.00 -11.72 -11.89
N MET D 46 -25.11 -11.59 -10.91
CA MET D 46 -23.85 -10.91 -11.15
C MET D 46 -23.10 -11.63 -12.27
N ALA D 47 -23.18 -12.96 -12.27
CA ALA D 47 -22.51 -13.77 -13.28
C ALA D 47 -23.12 -13.52 -14.66
N SER D 48 -24.41 -13.23 -14.70
CA SER D 48 -25.08 -12.97 -15.97
C SER D 48 -24.68 -11.60 -16.49
N LEU D 49 -24.50 -10.65 -15.58
CA LEU D 49 -24.09 -9.30 -15.97
C LEU D 49 -22.71 -9.35 -16.59
N PHE D 50 -21.77 -9.95 -15.86
CA PHE D 50 -20.39 -10.07 -16.31
C PHE D 50 -20.08 -11.43 -16.97
N LYS D 51 -20.82 -11.79 -18.01
CA LYS D 51 -20.59 -13.07 -18.68
C LYS D 51 -19.37 -12.99 -19.60
MG MG E . 28.96 6.59 7.02
C1 MLA F . 34.70 12.68 17.36
O1A MLA F . 35.46 12.35 16.51
O1B MLA F . 34.90 12.42 18.66
C2 MLA F . 33.37 13.42 17.15
C3 MLA F . 33.20 14.10 15.79
O3A MLA F . 33.61 15.18 15.50
O3B MLA F . 32.51 13.33 14.92
C1 MPD G . 25.29 8.08 -5.04
C2 MPD G . 26.46 8.00 -5.98
O2 MPD G . 27.37 9.06 -5.59
CM MPD G . 27.15 6.69 -5.87
C3 MPD G . 26.08 8.23 -7.45
C4 MPD G . 25.35 9.52 -7.79
O4 MPD G . 26.12 10.65 -7.47
C5 MPD G . 25.04 9.59 -9.26
C1 MPD H . -5.97 9.24 -17.55
C2 MPD H . -5.16 8.99 -16.30
O2 MPD H . -3.86 9.58 -16.54
CM MPD H . -5.80 9.63 -15.11
C3 MPD H . -4.96 7.49 -15.98
C4 MPD H . -3.93 6.70 -16.81
O4 MPD H . -2.63 7.23 -16.66
C5 MPD H . -3.88 5.25 -16.38
C1 MPD I . 21.94 0.93 20.99
C2 MPD I . 21.55 1.85 22.15
O2 MPD I . 22.02 1.18 23.34
CM MPD I . 22.20 3.18 22.03
C3 MPD I . 20.03 2.07 22.33
C4 MPD I . 19.09 0.91 22.00
O4 MPD I . 19.38 -0.22 22.79
C5 MPD I . 17.66 1.31 22.24
MG MG J . -31.27 -0.64 -1.31
C1 MLA K . -41.46 7.36 1.85
O1A MLA K . -41.92 6.29 1.61
O1B MLA K . -41.99 8.50 1.38
C2 MLA K . -40.26 7.63 2.75
C3 MLA K . -39.77 6.46 3.60
O3A MLA K . -40.34 6.00 4.54
O3B MLA K . -38.58 5.98 3.16
C1 MPD L . -24.54 17.60 -5.55
C2 MPD L . -25.18 16.31 -6.02
O2 MPD L . -25.90 16.63 -7.22
CM MPD L . -24.14 15.28 -6.31
C3 MPD L . -26.18 15.71 -5.00
C4 MPD L . -27.53 16.41 -4.83
O4 MPD L . -28.26 16.41 -6.02
C5 MPD L . -28.37 15.70 -3.78
C1 MPD M . 5.00 -13.98 10.77
C2 MPD M . 4.71 -12.65 11.43
O2 MPD M . 5.99 -12.13 11.83
CM MPD M . 4.05 -11.72 10.46
C3 MPD M . 3.81 -12.79 12.68
C4 MPD M . 4.15 -11.94 13.91
O4 MPD M . 4.09 -10.57 13.63
C5 MPD M . 3.17 -12.20 15.05
C1 MLA N . -48.66 -9.93 -2.64
O1A MLA N . -48.02 -9.21 -3.34
O1B MLA N . -48.75 -9.74 -1.32
C2 MLA N . -49.47 -11.16 -3.09
C3 MLA N . -48.84 -12.04 -4.15
O3A MLA N . -49.14 -12.04 -5.31
O3B MLA N . -47.88 -12.85 -3.66
#